data_8UQ0
#
_entry.id   8UQ0
#
_cell.length_a   48.839
_cell.length_b   55.098
_cell.length_c   75.911
_cell.angle_alpha   103.95
_cell.angle_beta   100.55
_cell.angle_gamma   108.41
#
_symmetry.space_group_name_H-M   'P 1'
#
loop_
_entity.id
_entity.type
_entity.pdbx_description
1 polymer 'Bifunctional protein PutA'
2 non-polymer 'FLAVIN-ADENINE DINUCLEOTIDE'
3 non-polymer '2-(Cyanomethylthio)acetic acid'
4 non-polymer DI(HYDROXYETHYL)ETHER
5 water water
#
_entity_poly.entity_id   1
_entity_poly.type   'polypeptide(L)'
_entity_poly.pdbx_seq_one_letter_code
;SRPQSTLRRAITAAYRRPETECLPPLVEAATQSKEIRDAAASTARKLIEALRGKHSGSGSSGSMMGEQFVTGETIREALK
RSKELEEKGFSYSYDMLGEAATTAADAERYYRDYESAIHAIGKASAGRGIYEGPGISIKLSALHPRYSRAQAARVMGELL
PRVKALALLAKNYDIGLNIDAEEADRLELSLDLLEVLCLDGDLSGWNGMGFVVQAYGKRCPFVLDFIIDLARRSGRRIMV
RLVKGAYWDAEIKRAQLDGLADFPVFTRKIHTDVSYIACAAKLLAATDVVFPQFATHNAQTLAAIYHMAGKDFHVGKYEF
QCLHGMGEPLYEEVVGRGKLDRPCRIYAPVGTHETLLAYLVRRLLENGANSSFVHRINDPKVSIDELIADPVEVVR
;
_entity_poly.pdbx_strand_id   A,B
#
# COMPACT_ATOMS: atom_id res chain seq x y z
N GLN A 4 18.23 21.53 25.13
CA GLN A 4 17.15 22.49 24.92
C GLN A 4 17.69 23.86 24.54
N SER A 5 17.10 24.47 23.51
CA SER A 5 17.53 25.76 23.02
C SER A 5 16.34 26.49 22.40
N THR A 6 16.53 27.80 22.16
CA THR A 6 15.52 28.57 21.45
C THR A 6 15.18 27.93 20.11
N LEU A 7 16.19 27.46 19.38
CA LEU A 7 15.94 26.80 18.10
C LEU A 7 15.16 25.50 18.29
N ARG A 8 15.50 24.71 19.31
CA ARG A 8 14.74 23.49 19.57
C ARG A 8 13.32 23.80 20.00
N ARG A 9 13.13 24.86 20.81
CA ARG A 9 11.79 25.21 21.25
C ARG A 9 10.90 25.62 20.08
N ALA A 10 11.48 26.26 19.05
CA ALA A 10 10.67 26.63 17.90
C ALA A 10 10.16 25.41 17.16
N ILE A 11 10.96 24.33 17.16
CA ILE A 11 10.53 23.07 16.56
C ILE A 11 9.37 22.48 17.34
N THR A 12 9.53 22.32 18.66
CA THR A 12 8.47 21.73 19.47
C THR A 12 7.18 22.53 19.38
N ALA A 13 7.29 23.86 19.41
CA ALA A 13 6.09 24.71 19.42
C ALA A 13 5.31 24.60 18.12
N ALA A 14 5.98 24.27 17.00
CA ALA A 14 5.33 24.21 15.70
C ALA A 14 4.69 22.85 15.42
N TYR A 15 4.89 21.86 16.29
CA TYR A 15 4.50 20.48 16.01
C TYR A 15 3.08 20.38 15.47
N ARG A 16 2.11 20.97 16.17
CA ARG A 16 0.72 20.96 15.73
C ARG A 16 0.15 22.37 15.62
N ARG A 17 0.97 23.35 15.23
CA ARG A 17 0.48 24.70 15.06
C ARG A 17 -0.62 24.72 14.01
N PRO A 18 -1.70 25.48 14.22
CA PRO A 18 -2.78 25.52 13.24
C PRO A 18 -2.25 25.85 11.84
N GLU A 19 -2.78 25.12 10.85
CA GLU A 19 -2.32 25.26 9.49
C GLU A 19 -2.42 26.71 9.00
N THR A 20 -3.48 27.42 9.38
CA THR A 20 -3.63 28.81 8.92
C THR A 20 -2.57 29.73 9.51
N GLU A 21 -2.04 29.41 10.70
CA GLU A 21 -0.96 30.21 11.27
C GLU A 21 0.39 29.89 10.66
N CYS A 22 0.59 28.65 10.18
CA CYS A 22 1.87 28.28 9.59
C CYS A 22 2.10 28.99 8.26
N LEU A 23 1.05 29.28 7.52
CA LEU A 23 1.18 29.65 6.12
C LEU A 23 1.76 31.04 5.83
N PRO A 24 1.37 32.09 6.55
CA PRO A 24 1.81 33.45 6.16
C PRO A 24 3.33 33.58 6.07
N PRO A 25 4.12 33.09 7.04
CA PRO A 25 5.58 33.22 6.88
C PRO A 25 6.14 32.38 5.74
N LEU A 26 5.50 31.25 5.43
CA LEU A 26 5.96 30.45 4.30
C LEU A 26 5.60 31.14 2.99
N VAL A 27 4.40 31.72 2.90
CA VAL A 27 4.00 32.43 1.70
C VAL A 27 4.97 33.58 1.42
N GLU A 28 5.32 34.35 2.46
CA GLU A 28 6.27 35.44 2.28
C GLU A 28 7.61 34.95 1.77
N ALA A 29 8.16 33.91 2.41
CA ALA A 29 9.49 33.42 2.04
C ALA A 29 9.48 32.75 0.68
N ALA A 30 8.35 32.20 0.26
CA ALA A 30 8.23 31.54 -1.04
C ALA A 30 7.89 32.50 -2.17
N THR A 31 7.66 33.78 -1.87
CA THR A 31 7.37 34.76 -2.91
C THR A 31 8.66 35.11 -3.64
N GLN A 32 8.65 34.97 -4.95
CA GLN A 32 9.82 35.29 -5.75
C GLN A 32 9.57 36.56 -6.55
N SER A 33 10.67 37.21 -6.94
CA SER A 33 10.58 38.39 -7.78
C SER A 33 9.95 38.04 -9.12
N LYS A 34 9.43 39.06 -9.80
CA LYS A 34 8.81 38.85 -11.11
C LYS A 34 9.80 38.24 -12.10
N GLU A 35 11.04 38.73 -12.10
CA GLU A 35 12.03 38.19 -13.03
C GLU A 35 12.26 36.71 -12.80
N ILE A 36 12.36 36.30 -11.53
CA ILE A 36 12.57 34.90 -11.22
C ILE A 36 11.33 34.08 -11.56
N ARG A 37 10.14 34.59 -11.24
CA ARG A 37 8.93 33.87 -11.58
C ARG A 37 8.80 33.68 -13.09
N ASP A 38 9.12 34.72 -13.86
CA ASP A 38 9.00 34.60 -15.31
C ASP A 38 10.03 33.63 -15.87
N ALA A 39 11.26 33.69 -15.37
CA ALA A 39 12.27 32.75 -15.83
C ALA A 39 11.92 31.32 -15.45
N ALA A 40 11.43 31.11 -14.23
CA ALA A 40 11.05 29.78 -13.81
C ALA A 40 9.88 29.24 -14.64
N ALA A 41 8.90 30.09 -14.96
CA ALA A 41 7.80 29.66 -15.81
C ALA A 41 8.30 29.20 -17.18
N SER A 42 9.27 29.92 -17.75
CA SER A 42 9.83 29.53 -19.05
C SER A 42 10.57 28.21 -18.94
N THR A 43 11.41 28.06 -17.92
CA THR A 43 12.12 26.80 -17.74
C THR A 43 11.17 25.64 -17.48
N ALA A 44 10.17 25.86 -16.63
CA ALA A 44 9.22 24.79 -16.33
C ALA A 44 8.43 24.38 -17.57
N ARG A 45 8.03 25.35 -18.38
CA ARG A 45 7.30 25.02 -19.61
C ARG A 45 8.16 24.16 -20.53
N LYS A 46 9.44 24.52 -20.68
CA LYS A 46 10.34 23.73 -21.52
C LYS A 46 10.51 22.32 -20.99
N LEU A 47 10.67 22.15 -19.68
CA LEU A 47 10.82 20.82 -19.11
C LEU A 47 9.55 20.01 -19.31
N ILE A 48 8.38 20.63 -19.10
CA ILE A 48 7.14 19.88 -19.19
C ILE A 48 6.82 19.52 -20.63
N GLU A 49 7.10 20.43 -21.57
CA GLU A 49 6.92 20.08 -22.98
C GLU A 49 7.79 18.90 -23.37
N ALA A 50 9.02 18.85 -22.85
CA ALA A 50 9.87 17.69 -23.09
C ALA A 50 9.32 16.45 -22.41
N LEU A 51 8.84 16.58 -21.16
CA LEU A 51 8.27 15.43 -20.45
C LEU A 51 7.06 14.87 -21.19
N ARG A 52 6.21 15.73 -21.73
CA ARG A 52 5.01 15.25 -22.41
C ARG A 52 5.31 14.71 -23.80
N GLY A 53 6.50 14.95 -24.34
CA GLY A 53 6.95 14.18 -25.50
C GLY A 53 7.43 12.81 -25.11
N LYS A 54 7.89 12.65 -23.87
CA LYS A 54 8.24 11.34 -23.35
C LYS A 54 6.97 10.67 -22.83
N HIS A 55 7.13 9.59 -22.08
CA HIS A 55 5.99 8.91 -21.46
C HIS A 55 6.33 8.65 -19.99
N SER A 56 6.60 9.73 -19.28
CA SER A 56 7.02 9.73 -17.89
C SER A 56 5.79 9.68 -17.00
N GLY A 57 6.00 9.86 -15.70
CA GLY A 57 4.88 9.91 -14.78
C GLY A 57 4.33 8.54 -14.43
N SER A 58 3.14 8.59 -13.83
CA SER A 58 2.55 7.41 -13.20
C SER A 58 2.32 6.27 -14.19
N GLY A 59 2.05 6.59 -15.47
CA GLY A 59 1.83 5.55 -16.46
C GLY A 59 3.05 4.68 -16.70
N SER A 60 4.24 5.16 -16.34
CA SER A 60 5.46 4.41 -16.53
C SER A 60 5.86 3.62 -15.28
N SER A 61 5.02 3.59 -14.25
CA SER A 61 5.41 2.99 -12.99
C SER A 61 5.51 1.46 -13.05
N GLY A 62 5.12 0.86 -14.17
CA GLY A 62 5.34 -0.57 -14.35
C GLY A 62 4.32 -1.41 -13.59
N SER A 63 4.68 -2.67 -13.41
CA SER A 63 3.79 -3.66 -12.83
C SER A 63 3.97 -3.73 -11.32
N MET A 64 3.05 -4.43 -10.66
CA MET A 64 3.13 -4.61 -9.22
C MET A 64 4.27 -5.52 -8.78
N MET A 65 5.05 -6.07 -9.72
CA MET A 65 6.32 -6.68 -9.35
C MET A 65 7.33 -5.64 -8.87
N GLY A 66 7.08 -4.36 -9.15
CA GLY A 66 7.94 -3.29 -8.66
C GLY A 66 9.26 -3.15 -9.37
N GLU A 67 9.42 -3.82 -10.51
CA GLU A 67 10.71 -3.85 -11.22
C GLU A 67 11.20 -2.45 -11.54
N GLN A 68 10.30 -1.50 -11.76
CA GLN A 68 10.70 -0.16 -12.15
C GLN A 68 11.49 0.55 -11.05
N PHE A 69 11.28 0.16 -9.80
CA PHE A 69 11.73 0.97 -8.67
C PHE A 69 12.97 0.42 -7.97
N VAL A 70 13.44 -0.77 -8.35
CA VAL A 70 14.59 -1.38 -7.67
C VAL A 70 15.78 -1.39 -8.63
N THR A 71 16.93 -0.94 -8.13
CA THR A 71 18.13 -0.80 -8.95
C THR A 71 18.87 -2.13 -9.10
N GLY A 72 18.75 -3.02 -8.13
CA GLY A 72 19.41 -4.31 -8.19
C GLY A 72 19.11 -5.08 -6.92
N GLU A 73 19.35 -6.40 -6.99
CA GLU A 73 19.06 -7.23 -5.83
C GLU A 73 20.14 -7.12 -4.77
N THR A 74 21.39 -6.89 -5.16
CA THR A 74 22.50 -6.76 -4.24
C THR A 74 23.25 -5.48 -4.57
N ILE A 75 24.08 -5.04 -3.62
CA ILE A 75 24.84 -3.81 -3.83
C ILE A 75 25.83 -4.00 -4.99
N ARG A 76 26.39 -5.20 -5.12
CA ARG A 76 27.31 -5.46 -6.23
C ARG A 76 26.60 -5.28 -7.57
N GLU A 77 25.38 -5.82 -7.68
CA GLU A 77 24.61 -5.65 -8.91
C GLU A 77 24.27 -4.19 -9.15
N ALA A 78 23.87 -3.47 -8.11
CA ALA A 78 23.46 -2.08 -8.28
C ALA A 78 24.63 -1.21 -8.69
N LEU A 79 25.82 -1.45 -8.11
CA LEU A 79 27.00 -0.67 -8.46
C LEU A 79 27.40 -0.87 -9.91
N LYS A 80 27.27 -2.10 -10.42
CA LYS A 80 27.63 -2.36 -11.82
C LYS A 80 26.71 -1.62 -12.79
N ARG A 81 25.44 -1.45 -12.42
CA ARG A 81 24.45 -0.83 -13.30
C ARG A 81 24.42 0.69 -13.19
N SER A 82 25.34 1.29 -12.44
CA SER A 82 25.36 2.73 -12.22
C SER A 82 26.33 3.46 -13.14
N LYS A 83 27.18 2.74 -13.88
CA LYS A 83 28.22 3.38 -14.65
C LYS A 83 27.64 4.24 -15.77
N GLU A 84 26.61 3.74 -16.46
CA GLU A 84 26.05 4.47 -17.60
C GLU A 84 25.57 5.85 -17.20
N LEU A 85 24.77 5.93 -16.13
CA LEU A 85 24.23 7.22 -15.73
C LEU A 85 25.25 8.10 -15.01
N GLU A 86 26.25 7.51 -14.34
CA GLU A 86 27.26 8.33 -13.67
C GLU A 86 28.06 9.18 -14.67
N GLU A 87 28.36 8.63 -15.83
CA GLU A 87 29.09 9.44 -16.81
C GLU A 87 28.20 10.49 -17.49
N LYS A 88 26.88 10.35 -17.40
CA LYS A 88 25.97 11.37 -17.90
C LYS A 88 25.83 12.56 -16.95
N GLY A 89 26.31 12.44 -15.72
CA GLY A 89 26.21 13.50 -14.75
C GLY A 89 25.39 13.17 -13.53
N PHE A 90 24.90 11.93 -13.39
CA PHE A 90 24.16 11.52 -12.22
C PHE A 90 25.10 10.95 -11.18
N SER A 91 24.68 11.03 -9.92
CA SER A 91 25.31 10.27 -8.84
C SER A 91 24.24 9.40 -8.19
N TYR A 92 24.64 8.65 -7.16
CA TYR A 92 23.74 7.68 -6.54
C TYR A 92 23.78 7.78 -5.03
N SER A 93 22.63 7.49 -4.41
CA SER A 93 22.55 7.18 -2.98
C SER A 93 21.85 5.83 -2.86
N TYR A 94 22.57 4.81 -2.42
CA TYR A 94 21.99 3.47 -2.38
C TYR A 94 21.22 3.23 -1.10
N ASP A 95 20.06 2.60 -1.23
CA ASP A 95 19.18 2.33 -0.11
C ASP A 95 19.03 0.81 -0.02
N MET A 96 19.69 0.18 0.96
CA MET A 96 19.44 -1.23 1.24
C MET A 96 18.07 -1.33 1.88
N LEU A 97 17.13 -1.93 1.15
CA LEU A 97 15.73 -1.91 1.56
C LEU A 97 15.55 -2.65 2.88
N GLY A 98 14.58 -2.19 3.65
CA GLY A 98 14.34 -2.75 4.96
C GLY A 98 14.00 -1.65 5.94
N GLU A 99 13.00 -1.88 6.78
CA GLU A 99 12.55 -0.84 7.70
C GLU A 99 11.68 -1.49 8.76
N ALA A 100 11.41 -0.70 9.80
CA ALA A 100 10.49 -1.10 10.87
C ALA A 100 10.79 -2.51 11.39
N ALA A 101 12.04 -2.70 11.81
CA ALA A 101 12.45 -3.98 12.38
C ALA A 101 11.55 -4.30 13.57
N THR A 102 11.07 -5.54 13.61
CA THR A 102 10.24 -5.99 14.71
C THR A 102 10.94 -6.95 15.66
N THR A 103 12.14 -7.43 15.31
CA THR A 103 12.91 -8.32 16.16
C THR A 103 14.36 -7.88 16.18
N ALA A 104 15.09 -8.37 17.18
CA ALA A 104 16.52 -8.10 17.26
C ALA A 104 17.26 -8.70 16.07
N ALA A 105 16.87 -9.91 15.66
CA ALA A 105 17.49 -10.54 14.50
C ALA A 105 17.32 -9.69 13.25
N ASP A 106 16.13 -9.13 13.03
CA ASP A 106 15.92 -8.31 11.84
C ASP A 106 16.77 -7.05 11.88
N ALA A 107 16.81 -6.36 13.03
CA ALA A 107 17.62 -5.16 13.14
C ALA A 107 19.10 -5.47 12.95
N GLU A 108 19.54 -6.63 13.45
CA GLU A 108 20.93 -7.04 13.27
C GLU A 108 21.23 -7.32 11.80
N ARG A 109 20.29 -7.96 11.10
CA ARG A 109 20.49 -8.23 9.68
C ARG A 109 20.53 -6.94 8.87
N TYR A 110 19.63 -6.00 9.15
CA TYR A 110 19.68 -4.71 8.45
C TYR A 110 20.98 -3.98 8.73
N TYR A 111 21.48 -4.04 9.96
CA TYR A 111 22.77 -3.44 10.25
C TYR A 111 23.87 -4.03 9.37
N ARG A 112 23.94 -5.36 9.31
CA ARG A 112 24.96 -6.02 8.49
CA ARG A 112 24.98 -5.99 8.50
C ARG A 112 24.83 -5.63 7.02
N ASP A 113 23.59 -5.50 6.54
CA ASP A 113 23.38 -5.09 5.15
C ASP A 113 23.92 -3.68 4.90
N TYR A 114 23.61 -2.74 5.81
CA TYR A 114 24.13 -1.39 5.67
C TYR A 114 25.65 -1.39 5.73
N GLU A 115 26.22 -2.13 6.68
CA GLU A 115 27.66 -2.17 6.85
C GLU A 115 28.33 -2.70 5.59
N SER A 116 27.83 -3.82 5.06
CA SER A 116 28.43 -4.37 3.85
C SER A 116 28.27 -3.43 2.66
N ALA A 117 27.13 -2.74 2.59
CA ALA A 117 26.94 -1.78 1.51
C ALA A 117 27.94 -0.63 1.61
N ILE A 118 28.21 -0.16 2.82
CA ILE A 118 29.17 0.95 2.96
C ILE A 118 30.54 0.54 2.45
N HIS A 119 30.98 -0.67 2.80
CA HIS A 119 32.27 -1.14 2.30
C HIS A 119 32.28 -1.22 0.78
N ALA A 120 31.21 -1.75 0.18
CA ALA A 120 31.18 -1.87 -1.27
C ALA A 120 31.10 -0.50 -1.93
N ILE A 121 30.23 0.37 -1.41
CA ILE A 121 30.08 1.71 -1.98
C ILE A 121 31.36 2.51 -1.79
N GLY A 122 31.95 2.42 -0.60
CA GLY A 122 33.16 3.18 -0.33
C GLY A 122 34.32 2.74 -1.19
N LYS A 123 34.48 1.43 -1.40
CA LYS A 123 35.51 0.97 -2.32
C LYS A 123 35.23 1.42 -3.75
N ALA A 124 33.97 1.36 -4.19
CA ALA A 124 33.62 1.81 -5.53
C ALA A 124 33.82 3.31 -5.68
N SER A 125 33.61 4.08 -4.62
CA SER A 125 33.79 5.53 -4.70
C SER A 125 35.22 5.87 -5.07
N ALA A 126 36.18 5.13 -4.51
CA ALA A 126 37.59 5.25 -4.88
C ALA A 126 38.10 6.68 -4.76
N GLY A 127 37.73 7.35 -3.67
CA GLY A 127 38.22 8.68 -3.40
C GLY A 127 37.55 9.81 -4.16
N ARG A 128 36.41 9.55 -4.81
CA ARG A 128 35.71 10.63 -5.50
C ARG A 128 35.07 11.62 -4.54
N GLY A 129 34.89 11.25 -3.27
CA GLY A 129 34.36 12.18 -2.30
C GLY A 129 32.85 12.21 -2.24
N ILE A 130 32.35 13.09 -1.39
CA ILE A 130 30.94 13.01 -1.01
C ILE A 130 29.99 13.60 -2.06
N TYR A 131 30.47 14.45 -2.96
CA TYR A 131 29.60 15.07 -3.96
C TYR A 131 29.67 14.36 -5.32
N GLU A 132 30.88 14.05 -5.79
CA GLU A 132 31.07 13.40 -7.07
C GLU A 132 30.86 11.89 -7.00
N GLY A 133 30.92 11.31 -5.80
CA GLY A 133 30.88 9.87 -5.65
C GLY A 133 29.59 9.44 -4.97
N PRO A 134 29.38 8.12 -4.94
CA PRO A 134 28.11 7.58 -4.42
C PRO A 134 28.06 7.64 -2.90
N GLY A 135 26.82 7.59 -2.39
CA GLY A 135 26.63 7.50 -0.97
C GLY A 135 25.58 6.46 -0.61
N ILE A 136 25.17 6.48 0.66
CA ILE A 136 24.21 5.52 1.20
C ILE A 136 23.13 6.28 1.96
N SER A 137 21.94 5.69 2.01
CA SER A 137 20.83 6.19 2.81
C SER A 137 20.39 5.08 3.76
N ILE A 138 20.10 5.46 4.99
CA ILE A 138 19.68 4.50 6.00
C ILE A 138 18.36 4.95 6.64
N LYS A 139 17.63 3.99 7.19
CA LYS A 139 16.44 4.25 7.98
C LYS A 139 16.67 3.80 9.41
N LEU A 140 16.48 4.72 10.36
CA LEU A 140 16.68 4.36 11.77
C LEU A 140 15.75 3.25 12.22
N SER A 141 14.54 3.15 11.63
CA SER A 141 13.60 2.12 12.06
C SER A 141 14.09 0.73 11.69
N ALA A 142 15.03 0.61 10.74
CA ALA A 142 15.62 -0.68 10.42
C ALA A 142 16.60 -1.15 11.49
N LEU A 143 17.12 -0.22 12.29
CA LEU A 143 18.26 -0.52 13.15
C LEU A 143 17.90 -0.71 14.61
N HIS A 144 16.63 -0.52 14.98
CA HIS A 144 16.22 -0.74 16.36
C HIS A 144 14.91 -1.52 16.31
N PRO A 145 14.78 -2.61 17.07
CA PRO A 145 13.62 -3.51 16.93
C PRO A 145 12.32 -2.94 17.46
N ARG A 146 12.36 -1.83 18.19
CA ARG A 146 11.12 -1.24 18.70
C ARG A 146 11.16 0.26 18.51
N TYR A 147 11.58 0.68 17.31
CA TYR A 147 11.90 2.08 17.07
C TYR A 147 10.73 3.00 17.40
N SER A 148 9.53 2.62 17.02
CA SER A 148 8.36 3.47 17.22
C SER A 148 7.58 3.13 18.48
N ARG A 149 7.89 2.01 19.15
CA ARG A 149 7.06 1.52 20.25
C ARG A 149 7.80 1.52 21.58
N ALA A 150 9.02 2.04 21.64
CA ALA A 150 9.76 2.14 22.88
C ALA A 150 10.09 3.60 23.15
N GLN A 151 10.40 3.89 24.41
CA GLN A 151 10.68 5.26 24.84
C GLN A 151 11.81 5.85 24.02
N ALA A 152 11.60 7.09 23.55
CA ALA A 152 12.54 7.71 22.61
C ALA A 152 13.94 7.82 23.19
N ALA A 153 14.05 8.13 24.48
CA ALA A 153 15.38 8.28 25.09
C ALA A 153 16.16 6.97 25.02
N ARG A 154 15.54 5.86 25.39
CA ARG A 154 16.21 4.56 25.35
C ARG A 154 16.52 4.14 23.92
N VAL A 155 15.58 4.39 23.00
CA VAL A 155 15.81 4.03 21.60
C VAL A 155 17.04 4.74 21.05
N MET A 156 17.15 6.05 21.29
CA MET A 156 18.30 6.79 20.79
C MET A 156 19.60 6.23 21.36
N GLY A 157 19.61 5.89 22.65
CA GLY A 157 20.84 5.45 23.30
C GLY A 157 21.36 4.12 22.78
N GLU A 158 20.46 3.21 22.39
CA GLU A 158 20.91 1.96 21.77
C GLU A 158 21.22 2.15 20.29
N LEU A 159 20.54 3.09 19.65
CA LEU A 159 20.75 3.33 18.24
C LEU A 159 22.07 4.04 17.99
N LEU A 160 22.42 4.98 18.87
CA LEU A 160 23.60 5.81 18.68
C LEU A 160 24.88 5.03 18.35
N PRO A 161 25.28 4.02 19.12
CA PRO A 161 26.52 3.31 18.76
C PRO A 161 26.47 2.64 17.41
N ARG A 162 25.29 2.17 16.98
CA ARG A 162 25.19 1.55 15.66
C ARG A 162 25.32 2.58 14.55
N VAL A 163 24.61 3.71 14.67
CA VAL A 163 24.72 4.74 13.65
C VAL A 163 26.12 5.33 13.65
N LYS A 164 26.70 5.55 14.82
CA LYS A 164 28.07 6.08 14.87
C LYS A 164 29.04 5.15 14.17
N ALA A 165 28.90 3.83 14.39
CA ALA A 165 29.79 2.88 13.73
C ALA A 165 29.67 2.97 12.21
N LEU A 166 28.43 3.07 11.72
CA LEU A 166 28.24 3.23 10.27
C LEU A 166 28.80 4.55 9.78
N ALA A 167 28.62 5.62 10.54
CA ALA A 167 29.16 6.92 10.14
C ALA A 167 30.67 6.89 10.07
N LEU A 168 31.31 6.19 11.02
CA LEU A 168 32.76 6.11 10.99
C LEU A 168 33.24 5.35 9.75
N LEU A 169 32.53 4.31 9.34
CA LEU A 169 32.90 3.64 8.10
C LEU A 169 32.75 4.58 6.92
N ALA A 170 31.65 5.34 6.88
CA ALA A 170 31.46 6.28 5.79
C ALA A 170 32.56 7.34 5.77
N LYS A 171 32.97 7.80 6.96
CA LYS A 171 34.10 8.72 7.03
C LYS A 171 35.40 8.09 6.50
N ASN A 172 35.64 6.82 6.84
CA ASN A 172 36.85 6.12 6.37
C ASN A 172 36.96 6.17 4.84
N TYR A 173 35.84 6.02 4.14
CA TYR A 173 35.87 6.03 2.68
C TYR A 173 35.51 7.38 2.08
N ASP A 174 35.12 8.35 2.90
CA ASP A 174 34.68 9.67 2.46
C ASP A 174 33.48 9.60 1.51
N ILE A 175 32.41 8.97 1.99
CA ILE A 175 31.15 8.91 1.26
C ILE A 175 30.05 9.53 2.10
N GLY A 176 28.95 9.87 1.43
CA GLY A 176 27.80 10.40 2.15
C GLY A 176 26.98 9.31 2.81
N LEU A 177 26.47 9.63 4.01
CA LEU A 177 25.57 8.75 4.74
CA LEU A 177 25.58 8.75 4.76
C LEU A 177 24.38 9.58 5.19
N ASN A 178 23.22 9.31 4.59
CA ASN A 178 22.00 10.07 4.84
C ASN A 178 21.04 9.29 5.73
N ILE A 179 20.48 9.99 6.73
CA ILE A 179 19.38 9.45 7.52
C ILE A 179 18.05 9.84 6.89
N ASP A 180 17.34 8.85 6.34
CA ASP A 180 16.01 9.11 5.79
C ASP A 180 15.05 9.57 6.89
N ALA A 181 14.06 10.39 6.50
CA ALA A 181 13.01 10.81 7.42
C ALA A 181 11.81 9.88 7.31
N GLU A 182 11.27 9.49 8.46
CA GLU A 182 10.14 8.57 8.47
C GLU A 182 8.90 9.23 9.09
N GLU A 183 8.27 8.63 10.11
CA GLU A 183 7.03 9.20 10.62
CA GLU A 183 7.03 9.19 10.64
C GLU A 183 7.30 10.44 11.49
N ALA A 184 6.28 11.30 11.57
CA ALA A 184 6.43 12.58 12.26
C ALA A 184 6.82 12.41 13.73
N ASP A 185 6.34 11.36 14.38
CA ASP A 185 6.62 11.20 15.80
C ASP A 185 8.06 10.78 16.08
N ARG A 186 8.86 10.56 15.05
CA ARG A 186 10.27 10.21 15.23
C ARG A 186 11.23 11.27 14.75
N LEU A 187 10.71 12.42 14.29
CA LEU A 187 11.58 13.51 13.88
C LEU A 187 12.50 13.92 15.02
N GLU A 188 11.94 14.12 16.22
CA GLU A 188 12.73 14.65 17.34
C GLU A 188 13.88 13.73 17.70
N LEU A 189 13.61 12.43 17.77
CA LEU A 189 14.65 11.47 18.11
C LEU A 189 15.77 11.50 17.08
N SER A 190 15.41 11.46 15.80
CA SER A 190 16.42 11.43 14.77
C SER A 190 17.25 12.71 14.76
N LEU A 191 16.63 13.84 15.07
CA LEU A 191 17.35 15.11 15.14
C LEU A 191 18.31 15.13 16.32
N ASP A 192 17.90 14.57 17.46
CA ASP A 192 18.83 14.45 18.58
C ASP A 192 20.05 13.61 18.21
N LEU A 193 19.83 12.55 17.42
CA LEU A 193 20.95 11.71 17.00
C LEU A 193 21.88 12.46 16.07
N LEU A 194 21.32 13.22 15.12
CA LEU A 194 22.15 14.04 14.24
C LEU A 194 23.03 14.99 15.03
N GLU A 195 22.48 15.64 16.04
CA GLU A 195 23.26 16.59 16.82
C GLU A 195 24.43 15.91 17.52
N VAL A 196 24.18 14.75 18.13
CA VAL A 196 25.26 14.02 18.80
C VAL A 196 26.37 13.68 17.82
N LEU A 197 26.00 13.19 16.64
CA LEU A 197 27.00 12.80 15.65
C LEU A 197 27.82 14.00 15.18
N CYS A 198 27.16 15.13 14.93
CA CYS A 198 27.86 16.30 14.42
C CYS A 198 28.78 16.92 15.46
N LEU A 199 28.55 16.66 16.74
CA LEU A 199 29.45 17.15 17.79
C LEU A 199 30.47 16.10 18.21
N ASP A 200 30.43 14.91 17.61
CA ASP A 200 31.35 13.83 17.99
C ASP A 200 32.68 14.02 17.26
N GLY A 201 33.74 14.26 18.04
CA GLY A 201 35.03 14.55 17.43
C GLY A 201 35.64 13.40 16.65
N ASP A 202 35.17 12.17 16.87
CA ASP A 202 35.66 11.04 16.09
C ASP A 202 35.29 11.16 14.62
N LEU A 203 34.29 11.97 14.30
CA LEU A 203 33.81 12.16 12.94
C LEU A 203 34.30 13.45 12.31
N SER A 204 35.23 14.15 12.95
CA SER A 204 35.66 15.44 12.44
C SER A 204 36.32 15.31 11.08
N GLY A 205 36.18 16.36 10.27
CA GLY A 205 36.79 16.41 8.96
C GLY A 205 36.00 15.74 7.86
N TRP A 206 34.87 15.13 8.19
CA TRP A 206 34.02 14.45 7.22
C TRP A 206 32.72 15.23 7.12
N ASN A 207 32.36 15.58 5.89
CA ASN A 207 31.13 16.33 5.62
C ASN A 207 30.04 15.46 5.02
N GLY A 208 30.11 14.15 5.20
CA GLY A 208 29.15 13.28 4.56
C GLY A 208 27.88 12.99 5.33
N MET A 209 27.74 13.45 6.56
CA MET A 209 26.52 13.18 7.29
C MET A 209 25.36 13.94 6.66
N GLY A 210 24.28 13.22 6.38
CA GLY A 210 23.13 13.82 5.73
C GLY A 210 21.85 13.54 6.50
N PHE A 211 20.86 14.41 6.27
CA PHE A 211 19.62 14.37 7.00
C PHE A 211 18.48 14.91 6.13
N VAL A 212 17.34 14.21 6.14
CA VAL A 212 16.17 14.60 5.37
C VAL A 212 15.24 15.46 6.22
N VAL A 213 14.66 16.49 5.63
CA VAL A 213 13.57 17.23 6.27
C VAL A 213 12.38 17.28 5.33
N GLN A 214 11.19 17.04 5.88
CA GLN A 214 9.95 16.88 5.12
C GLN A 214 9.14 18.18 5.13
N ALA A 215 8.99 18.78 3.95
CA ALA A 215 8.27 20.05 3.81
C ALA A 215 6.76 19.92 4.02
N TYR A 216 6.22 18.70 4.01
CA TYR A 216 4.82 18.58 4.41
C TYR A 216 4.62 18.72 5.92
N GLY A 217 5.69 18.81 6.69
CA GLY A 217 5.60 18.94 8.12
C GLY A 217 5.63 20.40 8.55
N LYS A 218 4.79 20.72 9.53
CA LYS A 218 4.72 22.07 10.06
C LYS A 218 6.03 22.51 10.71
N ARG A 219 6.86 21.56 11.16
CA ARG A 219 8.12 21.92 11.82
C ARG A 219 9.25 22.21 10.85
N CYS A 220 9.09 21.96 9.55
CA CYS A 220 10.16 21.98 8.57
C CYS A 220 11.06 23.22 8.65
N PRO A 221 10.56 24.44 8.53
CA PRO A 221 11.48 25.58 8.52
C PRO A 221 12.25 25.71 9.82
N PHE A 222 11.66 25.31 10.95
CA PHE A 222 12.34 25.41 12.23
C PHE A 222 13.37 24.31 12.41
N VAL A 223 13.09 23.11 11.89
CA VAL A 223 14.12 22.08 11.81
C VAL A 223 15.30 22.58 11.00
N LEU A 224 15.03 23.22 9.86
CA LEU A 224 16.10 23.75 9.03
C LEU A 224 16.92 24.81 9.76
N ASP A 225 16.26 25.73 10.47
CA ASP A 225 17.03 26.74 11.23
C ASP A 225 17.96 26.05 12.22
N PHE A 226 17.46 25.03 12.92
CA PHE A 226 18.29 24.30 13.87
C PHE A 226 19.46 23.61 13.17
N ILE A 227 19.22 22.98 12.02
CA ILE A 227 20.28 22.25 11.32
C ILE A 227 21.33 23.19 10.76
N ILE A 228 20.88 24.31 10.17
CA ILE A 228 21.82 25.29 9.64
C ILE A 228 22.70 25.84 10.75
N ASP A 229 22.10 26.16 11.91
CA ASP A 229 22.92 26.62 13.03
C ASP A 229 23.85 25.53 13.53
N LEU A 230 23.37 24.27 13.59
CA LEU A 230 24.22 23.17 14.03
C LEU A 230 25.41 23.00 13.09
N ALA A 231 25.18 23.10 11.79
CA ALA A 231 26.27 23.00 10.82
C ALA A 231 27.29 24.11 11.06
N ARG A 232 26.80 25.33 11.24
CA ARG A 232 27.70 26.47 11.40
C ARG A 232 28.53 26.33 12.66
N ARG A 233 27.93 25.88 13.76
CA ARG A 233 28.67 25.82 15.02
C ARG A 233 29.57 24.59 15.11
N SER A 234 29.17 23.48 14.49
CA SER A 234 29.94 22.24 14.54
C SER A 234 31.03 22.15 13.48
N GLY A 235 30.96 22.99 12.44
CA GLY A 235 31.88 22.86 11.34
C GLY A 235 31.62 21.71 10.40
N ARG A 236 30.48 21.04 10.55
CA ARG A 236 30.08 19.96 9.65
C ARG A 236 29.16 20.54 8.59
N ARG A 237 29.52 20.36 7.32
CA ARG A 237 28.67 20.84 6.24
C ARG A 237 27.59 19.79 5.99
N ILE A 238 26.53 19.86 6.79
CA ILE A 238 25.51 18.82 6.78
C ILE A 238 24.82 18.79 5.41
N MET A 239 24.69 17.59 4.86
CA MET A 239 23.92 17.41 3.63
C MET A 239 22.45 17.37 4.02
N VAL A 240 21.65 18.26 3.47
CA VAL A 240 20.24 18.38 3.86
C VAL A 240 19.37 18.06 2.67
N ARG A 241 18.70 16.93 2.71
CA ARG A 241 17.78 16.53 1.65
C ARG A 241 16.41 17.10 1.96
N LEU A 242 15.96 18.04 1.15
CA LEU A 242 14.64 18.64 1.29
C LEU A 242 13.67 17.85 0.43
N VAL A 243 12.66 17.25 1.07
CA VAL A 243 11.63 16.47 0.39
C VAL A 243 10.28 17.05 0.78
N LYS A 244 9.24 16.65 0.04
CA LYS A 244 7.89 16.93 0.50
C LYS A 244 7.47 15.94 1.59
N GLY A 245 7.40 14.66 1.26
CA GLY A 245 7.26 13.63 2.28
C GLY A 245 6.51 12.44 1.74
N ALA A 246 6.84 11.26 2.28
CA ALA A 246 6.35 10.00 1.71
C ALA A 246 5.20 9.34 2.49
N TYR A 247 4.86 9.84 3.68
CA TYR A 247 3.98 9.15 4.62
C TYR A 247 2.67 9.90 4.85
N TRP A 248 2.23 10.71 3.88
CA TRP A 248 1.11 11.62 4.13
C TRP A 248 -0.15 10.87 4.51
N ASP A 249 -0.54 9.86 3.73
CA ASP A 249 -1.77 9.14 4.01
C ASP A 249 -1.75 8.53 5.40
N ALA A 250 -0.61 7.98 5.81
CA ALA A 250 -0.50 7.39 7.13
C ALA A 250 -0.55 8.44 8.23
N GLU A 251 0.07 9.60 8.00
CA GLU A 251 0.00 10.65 9.00
C GLU A 251 -1.43 11.14 9.17
N ILE A 252 -2.17 11.29 8.08
CA ILE A 252 -3.56 11.75 8.18
C ILE A 252 -4.38 10.74 8.96
N LYS A 253 -4.21 9.45 8.66
CA LYS A 253 -5.01 8.43 9.33
C LYS A 253 -4.69 8.36 10.82
N ARG A 254 -3.40 8.41 11.16
CA ARG A 254 -3.01 8.41 12.57
C ARG A 254 -3.59 9.62 13.30
N ALA A 255 -3.56 10.79 12.65
CA ALA A 255 -4.03 12.02 13.30
C ALA A 255 -5.54 12.00 13.46
N GLN A 256 -6.27 11.44 12.50
CA GLN A 256 -7.72 11.30 12.63
C GLN A 256 -8.07 10.36 13.78
N LEU A 257 -7.31 9.28 13.94
CA LEU A 257 -7.59 8.32 15.01
C LEU A 257 -7.26 8.92 16.38
N ASP A 258 -6.16 9.66 16.48
CA ASP A 258 -5.78 10.29 17.74
C ASP A 258 -6.70 11.46 18.13
N GLY A 259 -7.78 11.71 17.39
CA GLY A 259 -8.76 12.71 17.77
C GLY A 259 -8.22 14.13 17.79
N LEU A 260 -7.06 14.34 17.18
CA LEU A 260 -6.42 15.64 17.18
C LEU A 260 -7.10 16.58 16.20
N ALA A 261 -7.24 17.84 16.59
CA ALA A 261 -7.79 18.85 15.69
C ALA A 261 -6.73 19.38 14.72
N ASP A 262 -5.48 19.43 15.15
CA ASP A 262 -4.40 19.99 14.36
C ASP A 262 -3.33 18.91 14.15
N PHE A 263 -3.04 18.60 12.90
CA PHE A 263 -2.16 17.51 12.55
C PHE A 263 -0.72 17.98 12.47
N PRO A 264 0.26 17.07 12.46
CA PRO A 264 1.66 17.48 12.28
C PRO A 264 2.05 17.73 10.83
N VAL A 265 1.15 17.51 9.88
CA VAL A 265 1.40 17.74 8.48
C VAL A 265 0.31 18.64 7.91
N PHE A 266 0.63 19.31 6.81
CA PHE A 266 -0.36 20.08 6.10
C PHE A 266 -1.40 19.13 5.50
N THR A 267 -2.57 19.66 5.25
CA THR A 267 -3.67 18.88 4.69
C THR A 267 -4.07 19.29 3.28
N ARG A 268 -3.51 20.38 2.76
CA ARG A 268 -3.72 20.81 1.39
C ARG A 268 -2.39 20.73 0.66
N LYS A 269 -2.39 20.09 -0.50
CA LYS A 269 -1.14 19.83 -1.20
C LYS A 269 -0.44 21.13 -1.57
N ILE A 270 -1.20 22.17 -1.89
CA ILE A 270 -0.58 23.44 -2.26
C ILE A 270 0.20 24.02 -1.07
N HIS A 271 -0.25 23.75 0.15
CA HIS A 271 0.49 24.24 1.31
C HIS A 271 1.85 23.57 1.42
N THR A 272 1.94 22.27 1.14
CA THR A 272 3.23 21.60 1.11
C THR A 272 4.12 22.19 0.03
N ASP A 273 3.54 22.53 -1.12
CA ASP A 273 4.35 23.10 -2.20
C ASP A 273 4.93 24.46 -1.79
N VAL A 274 4.11 25.29 -1.13
CA VAL A 274 4.60 26.57 -0.65
C VAL A 274 5.68 26.37 0.40
N SER A 275 5.44 25.43 1.32
CA SER A 275 6.42 25.12 2.35
C SER A 275 7.75 24.71 1.74
N TYR A 276 7.71 23.87 0.70
CA TYR A 276 8.94 23.43 0.06
C TYR A 276 9.72 24.60 -0.53
N ILE A 277 9.04 25.50 -1.24
CA ILE A 277 9.76 26.61 -1.87
C ILE A 277 10.32 27.55 -0.81
N ALA A 278 9.54 27.80 0.24
CA ALA A 278 10.03 28.65 1.32
C ALA A 278 11.25 28.04 1.99
N CYS A 279 11.23 26.73 2.20
CA CYS A 279 12.37 26.06 2.84
C CYS A 279 13.55 25.99 1.90
N ALA A 280 13.30 25.88 0.59
CA ALA A 280 14.39 25.92 -0.38
C ALA A 280 15.08 27.27 -0.37
N ALA A 281 14.31 28.36 -0.23
CA ALA A 281 14.92 29.67 -0.13
C ALA A 281 15.82 29.76 1.09
N LYS A 282 15.39 29.17 2.20
CA LYS A 282 16.22 29.17 3.40
C LYS A 282 17.51 28.40 3.19
N LEU A 283 17.43 27.23 2.55
CA LEU A 283 18.62 26.42 2.31
C LEU A 283 19.58 27.10 1.33
N LEU A 284 19.04 27.73 0.29
CA LEU A 284 19.91 28.37 -0.70
C LEU A 284 20.66 29.55 -0.11
N ALA A 285 20.14 30.17 0.94
CA ALA A 285 20.85 31.24 1.64
C ALA A 285 21.92 30.71 2.58
N ALA A 286 22.03 29.38 2.73
CA ALA A 286 22.92 28.78 3.71
C ALA A 286 23.91 27.81 3.07
N THR A 287 24.16 27.93 1.77
CA THR A 287 25.03 26.96 1.10
C THR A 287 26.47 26.98 1.60
N ASP A 288 26.86 28.02 2.34
CA ASP A 288 28.19 28.03 2.93
C ASP A 288 28.33 26.93 3.97
N VAL A 289 27.27 26.64 4.71
CA VAL A 289 27.35 25.75 5.85
C VAL A 289 26.60 24.44 5.69
N VAL A 290 25.63 24.35 4.76
CA VAL A 290 24.95 23.09 4.47
C VAL A 290 25.02 22.84 2.97
N PHE A 291 24.80 21.57 2.61
CA PHE A 291 24.75 21.14 1.21
C PHE A 291 23.31 20.78 0.89
N PRO A 292 22.55 21.68 0.28
CA PRO A 292 21.14 21.38 -0.01
C PRO A 292 20.99 20.36 -1.12
N GLN A 293 20.03 19.46 -0.94
CA GLN A 293 19.77 18.38 -1.90
C GLN A 293 18.27 18.45 -2.16
N PHE A 294 17.90 18.95 -3.33
CA PHE A 294 16.48 19.22 -3.62
C PHE A 294 15.88 18.02 -4.31
N ALA A 295 15.21 17.18 -3.53
CA ALA A 295 14.60 15.95 -4.00
C ALA A 295 13.18 16.24 -4.47
N THR A 296 12.94 16.14 -5.77
CA THR A 296 11.61 16.37 -6.32
C THR A 296 11.54 15.82 -7.74
N HIS A 297 10.36 15.39 -8.15
CA HIS A 297 10.07 15.07 -9.54
C HIS A 297 9.18 16.13 -10.20
N ASN A 298 8.90 17.22 -9.51
CA ASN A 298 7.96 18.22 -9.98
C ASN A 298 8.77 19.27 -10.75
N ALA A 299 8.50 19.39 -12.05
CA ALA A 299 9.27 20.28 -12.92
C ALA A 299 9.09 21.75 -12.56
N GLN A 300 7.92 22.14 -12.03
CA GLN A 300 7.76 23.51 -11.56
C GLN A 300 8.60 23.77 -10.31
N THR A 301 8.59 22.83 -9.36
CA THR A 301 9.43 22.96 -8.17
C THR A 301 10.90 23.07 -8.55
N LEU A 302 11.34 22.19 -9.44
CA LEU A 302 12.72 22.19 -9.89
C LEU A 302 13.10 23.52 -10.52
N ALA A 303 12.25 23.99 -11.45
CA ALA A 303 12.55 25.22 -12.17
C ALA A 303 12.62 26.41 -11.22
N ALA A 304 11.74 26.45 -10.22
CA ALA A 304 11.79 27.53 -9.25
C ALA A 304 13.12 27.53 -8.51
N ILE A 305 13.55 26.36 -8.03
CA ILE A 305 14.79 26.27 -7.29
C ILE A 305 15.99 26.62 -8.16
N TYR A 306 16.01 26.12 -9.40
CA TYR A 306 17.09 26.42 -10.33
C TYR A 306 17.30 27.92 -10.50
N HIS A 307 16.20 28.68 -10.63
CA HIS A 307 16.33 30.12 -10.76
C HIS A 307 16.58 30.81 -9.43
N MET A 308 16.01 30.30 -8.33
CA MET A 308 16.28 30.91 -7.03
C MET A 308 17.74 30.83 -6.66
N ALA A 309 18.42 29.78 -7.14
CA ALA A 309 19.82 29.54 -6.79
C ALA A 309 20.77 30.54 -7.44
N GLY A 310 20.33 31.24 -8.48
CA GLY A 310 21.20 32.21 -9.12
C GLY A 310 22.15 31.57 -10.11
N LYS A 311 23.05 32.41 -10.63
CA LYS A 311 23.96 32.02 -11.70
C LYS A 311 25.22 31.31 -11.22
N ASP A 312 25.63 31.54 -9.98
CA ASP A 312 26.87 30.94 -9.49
C ASP A 312 26.61 29.47 -9.15
N PHE A 313 27.37 28.57 -9.75
CA PHE A 313 27.24 27.16 -9.42
C PHE A 313 28.61 26.49 -9.48
N HIS A 314 28.82 25.55 -8.57
CA HIS A 314 29.97 24.66 -8.59
C HIS A 314 29.52 23.35 -7.97
N VAL A 315 30.16 22.24 -8.38
CA VAL A 315 29.85 20.95 -7.75
C VAL A 315 30.14 21.06 -6.27
N GLY A 316 29.19 20.64 -5.45
CA GLY A 316 29.25 20.81 -4.02
C GLY A 316 28.45 21.97 -3.49
N LYS A 317 27.93 22.85 -4.34
CA LYS A 317 27.10 23.93 -3.84
C LYS A 317 25.72 23.42 -3.42
N TYR A 318 25.03 22.74 -4.33
CA TYR A 318 23.77 22.05 -4.08
CA TYR A 318 23.79 22.03 -4.06
C TYR A 318 23.62 20.98 -5.15
N GLU A 319 22.63 20.13 -4.99
CA GLU A 319 22.29 19.17 -6.05
C GLU A 319 20.79 18.95 -6.03
N PHE A 320 20.29 18.37 -7.10
CA PHE A 320 18.95 17.81 -7.12
C PHE A 320 19.01 16.33 -6.79
N GLN A 321 17.85 15.74 -6.49
CA GLN A 321 17.77 14.30 -6.29
C GLN A 321 16.44 13.78 -6.83
N CYS A 322 16.45 12.50 -7.23
CA CYS A 322 15.23 11.85 -7.71
C CYS A 322 15.24 10.39 -7.29
N LEU A 323 14.08 9.75 -7.38
CA LEU A 323 13.98 8.32 -7.12
C LEU A 323 14.25 7.50 -8.39
N HIS A 324 14.98 6.40 -8.24
CA HIS A 324 15.17 5.47 -9.35
C HIS A 324 13.83 5.04 -9.93
N GLY A 325 13.72 5.08 -11.26
CA GLY A 325 12.51 4.66 -11.92
C GLY A 325 11.45 5.72 -12.02
N MET A 326 11.63 6.87 -11.41
CA MET A 326 10.68 7.98 -11.51
C MET A 326 11.28 9.23 -12.11
N GLY A 327 12.54 9.53 -11.82
CA GLY A 327 13.04 10.86 -12.07
C GLY A 327 13.88 10.99 -13.32
N GLU A 328 14.25 9.87 -13.93
CA GLU A 328 15.17 9.96 -15.06
C GLU A 328 14.62 10.76 -16.24
N PRO A 329 13.35 10.64 -16.64
CA PRO A 329 12.88 11.46 -17.77
C PRO A 329 13.00 12.96 -17.53
N LEU A 330 12.67 13.43 -16.33
CA LEU A 330 12.85 14.84 -16.03
C LEU A 330 14.32 15.21 -15.98
N TYR A 331 15.12 14.44 -15.25
CA TYR A 331 16.50 14.85 -15.01
C TYR A 331 17.40 14.67 -16.22
N GLU A 332 16.98 13.87 -17.20
CA GLU A 332 17.67 13.87 -18.50
C GLU A 332 17.58 15.22 -19.20
N GLU A 333 16.65 16.08 -18.77
CA GLU A 333 16.54 17.43 -19.28
C GLU A 333 17.24 18.44 -18.38
N VAL A 334 17.97 17.96 -17.38
CA VAL A 334 18.60 18.82 -16.38
C VAL A 334 20.11 18.60 -16.34
N VAL A 335 20.54 17.34 -16.19
CA VAL A 335 21.96 17.05 -16.09
CA VAL A 335 21.95 17.05 -16.10
C VAL A 335 22.62 17.24 -17.46
N GLY A 336 23.89 17.62 -17.43
CA GLY A 336 24.64 17.66 -18.66
C GLY A 336 24.82 19.08 -19.19
N ARG A 337 25.88 19.24 -19.98
CA ARG A 337 26.23 20.57 -20.47
C ARG A 337 25.29 21.06 -21.56
N GLY A 338 24.52 20.17 -22.18
CA GLY A 338 23.52 20.59 -23.13
C GLY A 338 22.18 20.94 -22.54
N LYS A 339 22.03 20.78 -21.22
CA LYS A 339 20.77 21.03 -20.55
C LYS A 339 20.96 22.15 -19.53
N LEU A 340 20.65 21.90 -18.26
CA LEU A 340 20.83 22.90 -17.22
C LEU A 340 22.16 22.79 -16.50
N ASP A 341 22.95 21.74 -16.74
CA ASP A 341 24.27 21.57 -16.14
C ASP A 341 24.19 21.61 -14.60
N ARG A 342 23.23 20.89 -14.05
CA ARG A 342 23.13 20.71 -12.61
C ARG A 342 23.08 19.22 -12.32
N PRO A 343 23.73 18.77 -11.25
CA PRO A 343 23.78 17.34 -10.93
C PRO A 343 22.52 16.86 -10.24
N CYS A 344 22.28 15.55 -10.38
CA CYS A 344 21.16 14.91 -9.72
C CYS A 344 21.64 13.59 -9.13
N ARG A 345 21.31 13.33 -7.87
CA ARG A 345 21.62 12.05 -7.22
C ARG A 345 20.38 11.17 -7.23
N ILE A 346 20.54 9.95 -7.72
CA ILE A 346 19.45 8.98 -7.81
C ILE A 346 19.43 8.14 -6.55
N TYR A 347 18.29 8.15 -5.86
CA TYR A 347 18.04 7.29 -4.71
C TYR A 347 17.72 5.91 -5.27
N ALA A 348 18.56 4.93 -4.95
CA ALA A 348 18.58 3.64 -5.63
C ALA A 348 18.31 2.51 -4.66
N PRO A 349 17.07 2.02 -4.59
CA PRO A 349 16.79 0.89 -3.70
C PRO A 349 17.50 -0.37 -4.15
N VAL A 350 17.94 -1.16 -3.16
CA VAL A 350 18.64 -2.41 -3.40
C VAL A 350 18.05 -3.45 -2.47
N GLY A 351 17.64 -4.58 -3.02
CA GLY A 351 17.09 -5.63 -2.19
C GLY A 351 16.23 -6.57 -2.99
N THR A 352 15.66 -7.53 -2.28
CA THR A 352 14.78 -8.54 -2.83
C THR A 352 13.37 -7.99 -2.96
N HIS A 353 12.51 -8.77 -3.60
CA HIS A 353 11.10 -8.38 -3.73
C HIS A 353 10.43 -8.27 -2.36
N GLU A 354 10.80 -9.16 -1.42
CA GLU A 354 10.23 -9.12 -0.08
C GLU A 354 10.46 -7.77 0.59
N THR A 355 11.72 -7.32 0.65
CA THR A 355 12.02 -6.07 1.33
C THR A 355 11.52 -4.85 0.57
N LEU A 356 11.11 -5.04 -0.68
CA LEU A 356 10.65 -3.95 -1.53
C LEU A 356 9.22 -3.51 -1.19
N LEU A 357 8.41 -4.37 -0.57
CA LEU A 357 6.97 -4.16 -0.54
C LEU A 357 6.56 -2.84 0.13
N ALA A 358 7.09 -2.55 1.33
CA ALA A 358 6.66 -1.34 2.03
C ALA A 358 7.00 -0.08 1.24
N TYR A 359 8.19 -0.05 0.64
CA TYR A 359 8.58 1.05 -0.22
C TYR A 359 7.65 1.17 -1.42
N LEU A 360 7.30 0.03 -2.03
CA LEU A 360 6.35 0.05 -3.15
C LEU A 360 5.02 0.66 -2.78
N VAL A 361 4.51 0.39 -1.56
CA VAL A 361 3.23 0.97 -1.18
C VAL A 361 3.30 2.49 -1.18
N ARG A 362 4.39 3.04 -0.65
CA ARG A 362 4.53 4.49 -0.67
C ARG A 362 4.67 5.03 -2.09
N ARG A 363 5.31 4.27 -3.00
CA ARG A 363 5.39 4.71 -4.39
C ARG A 363 4.02 4.65 -5.07
N LEU A 364 3.19 3.67 -4.70
CA LEU A 364 1.84 3.62 -5.26
C LEU A 364 1.04 4.83 -4.82
N LEU A 365 1.11 5.16 -3.53
CA LEU A 365 0.38 6.33 -3.04
C LEU A 365 0.86 7.61 -3.70
N GLU A 366 2.17 7.69 -3.98
CA GLU A 366 2.74 8.87 -4.63
C GLU A 366 2.33 8.94 -6.10
N ASN A 367 2.47 7.83 -6.83
CA ASN A 367 2.19 7.85 -8.26
C ASN A 367 0.69 7.86 -8.57
N GLY A 368 -0.14 7.28 -7.69
CA GLY A 368 -1.55 7.15 -7.97
C GLY A 368 -2.42 8.30 -7.53
N ALA A 369 -1.88 9.24 -6.75
CA ALA A 369 -2.68 10.35 -6.27
C ALA A 369 -2.91 11.34 -7.39
N ASN A 370 -4.18 11.71 -7.59
CA ASN A 370 -4.52 12.69 -8.60
C ASN A 370 -3.81 14.01 -8.38
N SER A 371 -3.41 14.32 -7.15
CA SER A 371 -2.70 15.56 -6.85
C SER A 371 -1.21 15.52 -7.18
N SER A 372 -0.64 14.36 -7.48
CA SER A 372 0.80 14.26 -7.70
C SER A 372 1.19 14.76 -9.09
N PHE A 373 2.29 15.52 -9.15
CA PHE A 373 2.84 15.94 -10.43
C PHE A 373 3.01 14.76 -11.39
N VAL A 374 3.54 13.64 -10.91
CA VAL A 374 3.80 12.52 -11.79
C VAL A 374 2.51 11.91 -12.34
N HIS A 375 1.37 12.11 -11.67
CA HIS A 375 0.09 11.68 -12.23
C HIS A 375 -0.45 12.73 -13.19
N ARG A 376 -0.35 14.01 -12.80
CA ARG A 376 -0.90 15.09 -13.61
C ARG A 376 -0.17 15.25 -14.94
N ILE A 377 1.13 14.95 -14.98
CA ILE A 377 1.89 15.07 -16.22
C ILE A 377 1.29 14.21 -17.34
N ASN A 378 0.61 13.11 -16.98
CA ASN A 378 -0.06 12.24 -17.94
C ASN A 378 -1.54 12.53 -18.10
N ASP A 379 -2.11 13.40 -17.28
CA ASP A 379 -3.56 13.56 -17.24
C ASP A 379 -3.97 14.47 -18.40
N PRO A 380 -4.77 13.99 -19.36
CA PRO A 380 -5.16 14.85 -20.49
C PRO A 380 -6.02 16.04 -20.08
N LYS A 381 -6.61 16.01 -18.88
CA LYS A 381 -7.42 17.11 -18.40
C LYS A 381 -6.58 18.22 -17.78
N VAL A 382 -5.28 18.03 -17.62
CA VAL A 382 -4.40 18.99 -16.95
C VAL A 382 -3.56 19.70 -18.00
N SER A 383 -3.67 21.02 -18.04
CA SER A 383 -2.94 21.82 -19.01
C SER A 383 -1.51 22.11 -18.55
N ILE A 384 -0.65 22.43 -19.52
CA ILE A 384 0.69 22.90 -19.17
C ILE A 384 0.62 24.18 -18.35
N ASP A 385 -0.33 25.06 -18.70
CA ASP A 385 -0.52 26.30 -17.93
C ASP A 385 -0.71 26.00 -16.46
N GLU A 386 -1.53 24.99 -16.16
CA GLU A 386 -1.75 24.60 -14.77
C GLU A 386 -0.49 24.02 -14.15
N LEU A 387 0.29 23.24 -14.91
CA LEU A 387 1.46 22.59 -14.35
C LEU A 387 2.56 23.57 -13.99
N ILE A 388 2.60 24.74 -14.65
CA ILE A 388 3.64 25.74 -14.38
C ILE A 388 3.18 26.81 -13.41
N ALA A 389 1.97 26.67 -12.86
CA ALA A 389 1.47 27.65 -11.91
C ALA A 389 2.38 27.75 -10.69
N ASP A 390 2.58 28.97 -10.23
CA ASP A 390 3.39 29.22 -9.03
C ASP A 390 2.51 28.99 -7.81
N PRO A 391 2.88 28.08 -6.91
CA PRO A 391 2.03 27.80 -5.73
C PRO A 391 1.62 29.03 -4.93
N VAL A 392 2.50 30.03 -4.77
CA VAL A 392 2.10 31.21 -4.00
C VAL A 392 0.98 31.97 -4.70
N GLU A 393 0.99 31.99 -6.03
CA GLU A 393 -0.04 32.71 -6.77
C GLU A 393 -1.36 31.95 -6.84
N VAL A 394 -1.37 30.68 -6.43
CA VAL A 394 -2.55 29.83 -6.57
C VAL A 394 -3.23 29.67 -5.21
N VAL A 395 -2.46 29.74 -4.12
CA VAL A 395 -3.01 29.45 -2.81
C VAL A 395 -4.08 30.48 -2.46
N ARG A 396 -5.24 29.98 -2.00
CA ARG A 396 -6.39 30.84 -1.73
C ARG A 396 -7.29 30.21 -0.67
N SER B 1 -30.07 -21.85 28.08
CA SER B 1 -28.85 -21.07 27.86
C SER B 1 -29.15 -19.92 26.92
N ARG B 2 -28.21 -18.95 26.82
CA ARG B 2 -28.34 -17.88 25.83
C ARG B 2 -28.54 -18.48 24.45
N PRO B 3 -29.30 -17.84 23.58
CA PRO B 3 -29.50 -18.39 22.23
C PRO B 3 -28.16 -18.60 21.53
N GLN B 4 -27.96 -19.82 21.03
CA GLN B 4 -26.74 -20.20 20.33
C GLN B 4 -25.50 -20.06 21.21
N SER B 5 -25.66 -20.26 22.51
CA SER B 5 -24.58 -20.08 23.46
C SER B 5 -23.35 -20.89 23.05
N THR B 6 -23.54 -22.15 22.67
CA THR B 6 -22.40 -22.99 22.37
C THR B 6 -21.65 -22.49 21.14
N LEU B 7 -22.40 -22.16 20.08
CA LEU B 7 -21.78 -21.68 18.85
C LEU B 7 -21.08 -20.33 19.05
N ARG B 8 -21.70 -19.43 19.81
CA ARG B 8 -21.12 -18.11 20.04
C ARG B 8 -19.89 -18.19 20.94
N ARG B 9 -19.95 -19.03 21.97
CA ARG B 9 -18.79 -19.21 22.84
C ARG B 9 -17.61 -19.80 22.07
N ALA B 10 -17.87 -20.65 21.07
CA ALA B 10 -16.77 -21.21 20.30
C ALA B 10 -16.09 -20.14 19.45
N ILE B 11 -16.85 -19.18 18.94
CA ILE B 11 -16.25 -18.09 18.17
C ILE B 11 -15.37 -17.24 19.07
N THR B 12 -15.92 -16.82 20.21
CA THR B 12 -15.15 -15.99 21.13
C THR B 12 -13.90 -16.71 21.61
N ALA B 13 -14.01 -18.00 21.91
CA ALA B 13 -12.85 -18.76 22.40
C ALA B 13 -11.73 -18.82 21.38
N ALA B 14 -12.06 -18.85 20.09
CA ALA B 14 -11.06 -18.96 19.03
C ALA B 14 -10.37 -17.65 18.72
N TYR B 15 -10.94 -16.51 19.16
CA TYR B 15 -10.54 -15.19 18.67
C TYR B 15 -9.04 -15.02 18.61
N ARG B 16 -8.37 -15.26 19.73
CA ARG B 16 -6.92 -15.17 19.84
C ARG B 16 -6.32 -16.46 20.39
N ARG B 17 -6.91 -17.60 20.05
CA ARG B 17 -6.37 -18.88 20.47
C ARG B 17 -4.99 -19.08 19.84
N PRO B 18 -4.04 -19.69 20.55
CA PRO B 18 -2.71 -19.91 19.97
C PRO B 18 -2.77 -20.66 18.64
N GLU B 19 -1.98 -20.16 17.69
CA GLU B 19 -1.98 -20.71 16.33
C GLU B 19 -1.70 -22.21 16.33
N THR B 20 -0.76 -22.66 17.16
CA THR B 20 -0.45 -24.08 17.24
C THR B 20 -1.64 -24.90 17.71
N GLU B 21 -2.53 -24.32 18.52
CA GLU B 21 -3.72 -25.05 18.95
C GLU B 21 -4.82 -25.02 17.89
N CYS B 22 -4.82 -24.02 17.01
CA CYS B 22 -5.86 -23.95 15.98
C CYS B 22 -5.65 -24.95 14.87
N LEU B 23 -4.40 -25.33 14.61
CA LEU B 23 -4.10 -26.00 13.35
C LEU B 23 -4.45 -27.48 13.26
N PRO B 24 -4.26 -28.29 14.30
CA PRO B 24 -4.48 -29.75 14.16
C PRO B 24 -5.87 -30.10 13.64
N PRO B 25 -6.96 -29.54 14.17
CA PRO B 25 -8.28 -29.89 13.61
C PRO B 25 -8.45 -29.45 12.16
N LEU B 26 -7.81 -28.35 11.78
CA LEU B 26 -7.90 -27.90 10.38
C LEU B 26 -7.10 -28.81 9.46
N VAL B 27 -5.91 -29.25 9.91
CA VAL B 27 -5.11 -30.14 9.09
C VAL B 27 -5.85 -31.44 8.80
N GLU B 28 -6.48 -32.01 9.82
CA GLU B 28 -7.23 -33.25 9.61
C GLU B 28 -8.40 -33.03 8.65
N ALA B 29 -9.14 -31.93 8.83
CA ALA B 29 -10.27 -31.65 7.96
C ALA B 29 -9.85 -31.32 6.53
N ALA B 30 -8.63 -30.84 6.33
CA ALA B 30 -8.14 -30.48 5.00
C ALA B 30 -7.39 -31.61 4.30
N THR B 31 -7.21 -32.74 4.96
CA THR B 31 -6.49 -33.86 4.37
C THR B 31 -7.39 -34.59 3.38
N GLN B 32 -6.93 -34.71 2.14
CA GLN B 32 -7.67 -35.44 1.12
C GLN B 32 -6.91 -36.70 0.74
N SER B 33 -7.63 -37.63 0.11
CA SER B 33 -7.01 -38.89 -0.26
C SER B 33 -5.93 -38.68 -1.31
N LYS B 34 -5.02 -39.65 -1.38
CA LYS B 34 -3.97 -39.63 -2.41
C LYS B 34 -4.57 -39.57 -3.80
N GLU B 35 -5.68 -40.30 -4.03
CA GLU B 35 -6.29 -40.30 -5.35
C GLU B 35 -6.81 -38.91 -5.71
N ILE B 36 -7.46 -38.23 -4.76
CA ILE B 36 -7.90 -36.86 -5.01
C ILE B 36 -6.70 -35.92 -5.15
N ARG B 37 -5.68 -36.10 -4.32
CA ARG B 37 -4.52 -35.22 -4.42
C ARG B 37 -3.83 -35.36 -5.76
N ASP B 38 -3.76 -36.59 -6.30
CA ASP B 38 -3.13 -36.80 -7.60
C ASP B 38 -3.92 -36.14 -8.70
N ALA B 39 -5.25 -36.32 -8.68
CA ALA B 39 -6.10 -35.71 -9.69
C ALA B 39 -6.07 -34.19 -9.60
N ALA B 40 -6.05 -33.66 -8.36
CA ALA B 40 -5.97 -32.21 -8.19
C ALA B 40 -4.65 -31.65 -8.71
N ALA B 41 -3.55 -32.38 -8.48
CA ALA B 41 -2.26 -31.92 -8.99
C ALA B 41 -2.26 -31.85 -10.50
N SER B 42 -2.88 -32.83 -11.17
CA SER B 42 -2.96 -32.81 -12.63
CA SER B 42 -2.96 -32.81 -12.63
C SER B 42 -3.82 -31.65 -13.11
N THR B 43 -4.96 -31.40 -12.44
CA THR B 43 -5.77 -30.25 -12.81
C THR B 43 -5.01 -28.95 -12.62
N ALA B 44 -4.33 -28.80 -11.48
CA ALA B 44 -3.59 -27.56 -11.21
C ALA B 44 -2.48 -27.35 -12.23
N ARG B 45 -1.78 -28.42 -12.60
CA ARG B 45 -0.73 -28.32 -13.62
C ARG B 45 -1.31 -27.81 -14.94
N LYS B 46 -2.45 -28.38 -15.35
CA LYS B 46 -3.10 -27.94 -16.59
C LYS B 46 -3.48 -26.47 -16.52
N LEU B 47 -4.08 -26.04 -15.42
CA LEU B 47 -4.50 -24.65 -15.30
C LEU B 47 -3.32 -23.68 -15.40
N ILE B 48 -2.22 -24.02 -14.75
CA ILE B 48 -1.04 -23.15 -14.79
C ILE B 48 -0.43 -23.14 -16.18
N GLU B 49 -0.26 -24.32 -16.79
CA GLU B 49 0.30 -24.36 -18.13
CA GLU B 49 0.30 -24.39 -18.14
C GLU B 49 -0.57 -23.61 -19.12
N ALA B 50 -1.89 -23.65 -18.95
CA ALA B 50 -2.77 -22.90 -19.83
C ALA B 50 -2.66 -21.40 -19.56
N LEU B 51 -2.64 -21.01 -18.28
CA LEU B 51 -2.49 -19.62 -17.87
C LEU B 51 -1.38 -18.95 -18.68
N ARG B 52 -0.18 -19.52 -18.60
CA ARG B 52 0.97 -18.96 -19.29
C ARG B 52 0.84 -19.10 -20.80
N GLY B 53 0.33 -20.24 -21.27
CA GLY B 53 0.28 -20.48 -22.70
C GLY B 53 -0.51 -19.43 -23.46
N LYS B 54 -1.64 -19.00 -22.91
CA LYS B 54 -2.47 -17.99 -23.54
C LYS B 54 -2.09 -16.56 -23.18
N HIS B 55 -1.08 -16.36 -22.32
CA HIS B 55 -0.69 -15.02 -21.91
C HIS B 55 0.82 -14.83 -21.99
N SER B 56 1.42 -15.32 -23.07
CA SER B 56 2.82 -15.07 -23.40
C SER B 56 3.78 -15.51 -22.29
N GLY B 57 3.40 -16.54 -21.54
CA GLY B 57 4.24 -17.08 -20.50
C GLY B 57 4.07 -16.43 -19.15
N SER B 58 3.24 -15.40 -19.03
CA SER B 58 3.06 -14.66 -17.79
C SER B 58 1.83 -15.16 -17.05
N GLY B 59 1.97 -15.34 -15.75
CA GLY B 59 0.86 -15.78 -14.92
C GLY B 59 -0.02 -14.63 -14.47
N SER B 63 -0.58 -3.73 -14.08
CA SER B 63 -0.13 -2.36 -13.86
C SER B 63 -0.24 -1.96 -12.40
N MET B 64 0.72 -1.16 -11.92
CA MET B 64 0.64 -0.66 -10.56
C MET B 64 -0.45 0.39 -10.40
N MET B 65 -0.72 1.18 -11.45
CA MET B 65 -1.78 2.18 -11.37
C MET B 65 -3.18 1.56 -11.38
N GLY B 66 -3.31 0.28 -11.69
CA GLY B 66 -4.52 -0.44 -11.38
C GLY B 66 -5.76 -0.04 -12.14
N GLU B 67 -5.62 0.58 -13.31
CA GLU B 67 -6.79 0.75 -14.16
C GLU B 67 -7.43 -0.59 -14.48
N GLN B 68 -6.62 -1.65 -14.53
CA GLN B 68 -7.15 -2.98 -14.82
C GLN B 68 -8.00 -3.52 -13.67
N PHE B 69 -8.02 -2.87 -12.51
CA PHE B 69 -8.82 -3.37 -11.39
C PHE B 69 -10.22 -2.76 -11.33
N VAL B 70 -10.51 -1.71 -12.09
CA VAL B 70 -11.80 -1.05 -12.03
C VAL B 70 -12.56 -1.34 -13.31
N THR B 71 -13.82 -1.74 -13.18
CA THR B 71 -14.62 -2.09 -14.35
CA THR B 71 -14.60 -2.09 -14.36
C THR B 71 -15.30 -0.88 -14.99
N GLY B 72 -15.51 0.18 -14.23
CA GLY B 72 -16.11 1.39 -14.78
C GLY B 72 -16.15 2.49 -13.73
N GLU B 73 -16.30 3.72 -14.21
CA GLU B 73 -16.42 4.85 -13.30
C GLU B 73 -17.82 5.00 -12.74
N THR B 74 -18.83 4.47 -13.43
CA THR B 74 -20.21 4.50 -12.97
C THR B 74 -20.80 3.12 -13.14
N ILE B 75 -21.91 2.87 -12.46
CA ILE B 75 -22.54 1.57 -12.55
C ILE B 75 -23.05 1.31 -13.96
N ARG B 76 -23.56 2.36 -14.63
CA ARG B 76 -24.02 2.22 -16.01
C ARG B 76 -22.88 1.76 -16.92
N GLU B 77 -21.70 2.36 -16.75
CA GLU B 77 -20.54 1.97 -17.55
C GLU B 77 -20.10 0.55 -17.20
N ALA B 78 -20.09 0.21 -15.92
CA ALA B 78 -19.65 -1.13 -15.53
C ALA B 78 -20.57 -2.20 -16.08
N LEU B 79 -21.88 -1.96 -16.04
CA LEU B 79 -22.84 -2.93 -16.56
C LEU B 79 -22.68 -3.13 -18.05
N LYS B 80 -22.42 -2.06 -18.79
CA LYS B 80 -22.19 -2.18 -20.23
C LYS B 80 -20.97 -3.06 -20.52
N ARG B 81 -19.91 -2.90 -19.73
CA ARG B 81 -18.68 -3.63 -19.97
C ARG B 81 -18.73 -5.08 -19.47
N SER B 82 -19.84 -5.50 -18.90
CA SER B 82 -19.94 -6.86 -18.38
C SER B 82 -20.54 -7.85 -19.38
N LYS B 83 -21.14 -7.38 -20.47
CA LYS B 83 -21.87 -8.25 -21.39
C LYS B 83 -20.95 -9.33 -21.98
N GLU B 84 -19.73 -8.96 -22.34
CA GLU B 84 -18.83 -9.91 -23.01
C GLU B 84 -18.57 -11.14 -22.15
N LEU B 85 -18.15 -10.94 -20.90
CA LEU B 85 -17.82 -12.07 -20.04
C LEU B 85 -19.08 -12.80 -19.57
N GLU B 86 -20.20 -12.10 -19.42
CA GLU B 86 -21.43 -12.80 -19.07
C GLU B 86 -21.85 -13.75 -20.19
N GLU B 87 -21.63 -13.34 -21.44
CA GLU B 87 -21.94 -14.22 -22.57
C GLU B 87 -21.14 -15.52 -22.51
N LYS B 88 -19.93 -15.48 -21.94
CA LYS B 88 -19.10 -16.66 -21.79
C LYS B 88 -19.48 -17.51 -20.59
N GLY B 89 -20.33 -17.03 -19.70
CA GLY B 89 -20.73 -17.79 -18.54
C GLY B 89 -20.25 -17.27 -17.20
N PHE B 90 -19.56 -16.13 -17.18
CA PHE B 90 -19.25 -15.45 -15.92
C PHE B 90 -20.47 -14.70 -15.42
N SER B 91 -20.49 -14.45 -14.12
CA SER B 91 -21.41 -13.52 -13.49
C SER B 91 -20.60 -12.43 -12.80
N TYR B 92 -21.29 -11.47 -12.19
CA TYR B 92 -20.65 -10.30 -11.57
C TYR B 92 -21.22 -10.00 -10.19
N SER B 93 -20.36 -9.40 -9.37
CA SER B 93 -20.78 -8.74 -8.14
C SER B 93 -20.12 -7.37 -8.14
N TYR B 94 -20.92 -6.31 -8.18
CA TYR B 94 -20.40 -4.96 -8.31
C TYR B 94 -20.12 -4.34 -6.96
N ASP B 95 -18.98 -3.65 -6.86
CA ASP B 95 -18.51 -3.02 -5.63
C ASP B 95 -18.39 -1.52 -5.90
N MET B 96 -19.32 -0.73 -5.38
CA MET B 96 -19.16 0.71 -5.44
C MET B 96 -18.07 1.10 -4.48
N LEU B 97 -16.93 1.54 -5.03
CA LEU B 97 -15.75 1.78 -4.20
C LEU B 97 -16.02 2.86 -3.17
N GLY B 98 -15.45 2.69 -2.00
CA GLY B 98 -15.68 3.61 -0.92
C GLY B 98 -15.84 2.85 0.38
N GLU B 99 -15.18 3.32 1.42
CA GLU B 99 -15.17 2.60 2.69
C GLU B 99 -14.72 3.56 3.78
N ALA B 100 -14.84 3.11 5.02
CA ALA B 100 -14.31 3.84 6.17
C ALA B 100 -14.81 5.29 6.18
N ALA B 101 -16.13 5.44 6.07
CA ALA B 101 -16.75 6.76 6.14
C ALA B 101 -16.30 7.48 7.40
N THR B 102 -15.92 8.74 7.25
CA THR B 102 -15.48 9.55 8.38
C THR B 102 -16.54 10.52 8.89
N THR B 103 -17.58 10.80 8.12
CA THR B 103 -18.65 11.69 8.54
C THR B 103 -20.00 11.07 8.20
N ALA B 104 -21.04 11.58 8.86
CA ALA B 104 -22.40 11.15 8.56
C ALA B 104 -22.77 11.44 7.12
N ALA B 105 -22.31 12.58 6.59
CA ALA B 105 -22.60 12.93 5.20
C ALA B 105 -21.94 11.95 4.24
N ASP B 106 -20.70 11.51 4.54
CA ASP B 106 -20.05 10.52 3.70
C ASP B 106 -20.81 9.20 3.71
N ALA B 107 -21.21 8.75 4.90
CA ALA B 107 -21.96 7.50 5.01
C ALA B 107 -23.27 7.59 4.24
N GLU B 108 -23.93 8.76 4.28
CA GLU B 108 -25.17 8.93 3.55
C GLU B 108 -24.94 8.89 2.04
N ARG B 109 -23.83 9.50 1.58
CA ARG B 109 -23.52 9.46 0.15
C ARG B 109 -23.25 8.04 -0.32
N TYR B 110 -22.50 7.26 0.46
CA TYR B 110 -22.26 5.87 0.10
C TYR B 110 -23.55 5.07 0.07
N TYR B 111 -24.43 5.31 1.05
CA TYR B 111 -25.73 4.64 1.05
C TYR B 111 -26.47 4.90 -0.25
N ARG B 112 -26.51 6.18 -0.68
CA ARG B 112 -27.23 6.51 -1.90
C ARG B 112 -26.57 5.92 -3.13
N ASP B 113 -25.24 5.81 -3.14
CA ASP B 113 -24.55 5.14 -4.24
C ASP B 113 -24.98 3.69 -4.33
N TYR B 114 -25.01 2.99 -3.18
CA TYR B 114 -25.43 1.59 -3.19
C TYR B 114 -26.87 1.46 -3.65
N GLU B 115 -27.74 2.33 -3.17
CA GLU B 115 -29.16 2.25 -3.49
C GLU B 115 -29.38 2.41 -5.00
N SER B 116 -28.76 3.43 -5.59
CA SER B 116 -28.87 3.61 -7.03
C SER B 116 -28.27 2.43 -7.78
N ALA B 117 -27.15 1.90 -7.28
CA ALA B 117 -26.54 0.74 -7.93
C ALA B 117 -27.47 -0.45 -7.94
N ILE B 118 -28.19 -0.71 -6.83
CA ILE B 118 -29.08 -1.87 -6.79
C ILE B 118 -30.19 -1.73 -7.83
N HIS B 119 -30.77 -0.55 -7.97
CA HIS B 119 -31.76 -0.34 -9.03
C HIS B 119 -31.18 -0.65 -10.40
N ALA B 120 -29.98 -0.14 -10.69
CA ALA B 120 -29.38 -0.37 -12.01
C ALA B 120 -29.02 -1.84 -12.22
N ILE B 121 -28.42 -2.46 -11.20
CA ILE B 121 -28.05 -3.88 -11.32
C ILE B 121 -29.30 -4.75 -11.41
N GLY B 122 -30.32 -4.42 -10.62
CA GLY B 122 -31.55 -5.18 -10.68
C GLY B 122 -32.24 -5.09 -12.04
N LYS B 123 -32.24 -3.90 -12.65
CA LYS B 123 -32.77 -3.76 -14.00
C LYS B 123 -31.97 -4.59 -15.00
N ALA B 124 -30.64 -4.55 -14.89
CA ALA B 124 -29.80 -5.32 -15.78
C ALA B 124 -29.99 -6.82 -15.57
N SER B 125 -30.20 -7.24 -14.32
CA SER B 125 -30.41 -8.66 -14.05
C SER B 125 -31.62 -9.19 -14.79
N ALA B 126 -32.70 -8.41 -14.80
CA ALA B 126 -33.88 -8.73 -15.62
C ALA B 126 -34.44 -10.11 -15.29
N GLY B 127 -34.51 -10.41 -14.00
CA GLY B 127 -35.09 -11.65 -13.55
C GLY B 127 -34.21 -12.87 -13.64
N ARG B 128 -32.90 -12.70 -13.88
CA ARG B 128 -32.02 -13.86 -13.95
C ARG B 128 -31.82 -14.54 -12.60
N GLY B 129 -32.13 -13.86 -11.51
CA GLY B 129 -32.00 -14.49 -10.20
C GLY B 129 -30.62 -14.37 -9.61
N ILE B 130 -30.49 -14.93 -8.41
CA ILE B 130 -29.31 -14.65 -7.59
C ILE B 130 -28.07 -15.43 -8.01
N TYR B 131 -28.22 -16.55 -8.71
CA TYR B 131 -27.07 -17.35 -9.12
C TYR B 131 -26.60 -17.02 -10.52
N GLU B 132 -27.51 -16.86 -11.48
CA GLU B 132 -27.09 -16.58 -12.85
C GLU B 132 -26.91 -15.10 -13.10
N GLY B 133 -27.59 -14.25 -12.34
CA GLY B 133 -27.56 -12.83 -12.58
C GLY B 133 -26.60 -12.10 -11.65
N PRO B 134 -26.38 -10.82 -11.93
CA PRO B 134 -25.42 -10.03 -11.16
C PRO B 134 -25.94 -9.71 -9.77
N GLY B 135 -25.00 -9.39 -8.89
CA GLY B 135 -25.32 -8.92 -7.56
C GLY B 135 -24.46 -7.76 -7.15
N ILE B 136 -24.53 -7.39 -5.88
CA ILE B 136 -23.79 -6.26 -5.34
C ILE B 136 -23.06 -6.71 -4.08
N SER B 137 -21.94 -6.05 -3.80
CA SER B 137 -21.22 -6.22 -2.54
C SER B 137 -21.12 -4.88 -1.85
N ILE B 138 -21.29 -4.88 -0.53
CA ILE B 138 -21.25 -3.65 0.26
C ILE B 138 -20.25 -3.80 1.40
N LYS B 139 -19.75 -2.67 1.87
CA LYS B 139 -18.88 -2.63 3.06
C LYS B 139 -19.60 -1.86 4.14
N LEU B 140 -19.75 -2.48 5.31
CA LEU B 140 -20.41 -1.80 6.42
C LEU B 140 -19.68 -0.53 6.84
N SER B 141 -18.35 -0.47 6.68
CA SER B 141 -17.62 0.73 7.10
C SER B 141 -17.98 1.94 6.26
N ALA B 142 -18.55 1.74 5.06
CA ALA B 142 -19.01 2.85 4.25
C ALA B 142 -20.31 3.45 4.77
N LEU B 143 -21.06 2.72 5.60
CA LEU B 143 -22.42 3.07 5.92
C LEU B 143 -22.61 3.57 7.35
N HIS B 144 -21.56 3.59 8.15
CA HIS B 144 -21.62 4.19 9.47
C HIS B 144 -20.36 5.03 9.64
N PRO B 145 -20.48 6.29 10.02
CA PRO B 145 -19.27 7.08 10.30
C PRO B 145 -18.57 6.51 11.53
N ARG B 146 -17.25 6.52 11.50
CA ARG B 146 -16.44 5.94 12.58
C ARG B 146 -16.93 4.52 12.95
N TYR B 147 -17.12 3.71 11.91
CA TYR B 147 -17.53 2.31 12.10
C TYR B 147 -16.58 1.56 13.02
N SER B 148 -15.28 1.85 12.91
CA SER B 148 -14.27 1.15 13.69
C SER B 148 -14.19 1.62 15.13
N ARG B 149 -14.83 2.74 15.47
CA ARG B 149 -14.62 3.38 16.76
C ARG B 149 -15.82 3.33 17.69
N ALA B 150 -17.03 3.51 17.15
CA ALA B 150 -18.21 3.66 18.00
C ALA B 150 -18.61 2.33 18.62
N GLN B 151 -19.28 2.42 19.77
CA GLN B 151 -19.78 1.23 20.45
C GLN B 151 -20.72 0.47 19.53
N ALA B 152 -20.75 -0.86 19.71
CA ALA B 152 -21.55 -1.71 18.84
C ALA B 152 -23.03 -1.35 18.87
N ALA B 153 -23.55 -0.99 20.05
CA ALA B 153 -24.96 -0.66 20.16
C ALA B 153 -25.34 0.53 19.29
N ARG B 154 -24.48 1.55 19.27
CA ARG B 154 -24.75 2.72 18.42
C ARG B 154 -24.59 2.35 16.95
N VAL B 155 -23.51 1.65 16.60
CA VAL B 155 -23.31 1.27 15.21
C VAL B 155 -24.44 0.37 14.72
N MET B 156 -24.85 -0.59 15.56
CA MET B 156 -25.91 -1.52 15.18
C MET B 156 -27.22 -0.77 14.91
N GLY B 157 -27.67 0.03 15.88
CA GLY B 157 -28.97 0.68 15.79
C GLY B 157 -29.13 1.64 14.61
N GLU B 158 -28.03 2.17 14.09
CA GLU B 158 -28.09 3.04 12.93
C GLU B 158 -27.82 2.30 11.63
N LEU B 159 -26.95 1.29 11.66
CA LEU B 159 -26.57 0.56 10.46
C LEU B 159 -27.67 -0.40 10.02
N LEU B 160 -28.34 -1.04 10.98
CA LEU B 160 -29.33 -2.06 10.64
C LEU B 160 -30.45 -1.54 9.74
N PRO B 161 -31.09 -0.39 9.99
CA PRO B 161 -32.11 0.09 9.05
C PRO B 161 -31.57 0.34 7.66
N ARG B 162 -30.34 0.83 7.55
CA ARG B 162 -29.76 1.09 6.24
C ARG B 162 -29.52 -0.19 5.48
N VAL B 163 -28.87 -1.18 6.12
CA VAL B 163 -28.61 -2.44 5.43
C VAL B 163 -29.92 -3.15 5.12
N LYS B 164 -30.88 -3.13 6.05
CA LYS B 164 -32.18 -3.74 5.77
C LYS B 164 -32.82 -3.11 4.53
N ALA B 165 -32.76 -1.79 4.42
CA ALA B 165 -33.34 -1.12 3.26
C ALA B 165 -32.66 -1.55 1.96
N LEU B 166 -31.34 -1.67 1.98
CA LEU B 166 -30.63 -2.16 0.80
C LEU B 166 -31.01 -3.61 0.50
N ALA B 167 -31.10 -4.45 1.53
CA ALA B 167 -31.47 -5.84 1.33
C ALA B 167 -32.88 -5.95 0.77
N LEU B 168 -33.80 -5.09 1.22
CA LEU B 168 -35.15 -5.10 0.68
C LEU B 168 -35.16 -4.79 -0.81
N LEU B 169 -34.35 -3.80 -1.23
CA LEU B 169 -34.28 -3.50 -2.66
C LEU B 169 -33.70 -4.67 -3.43
N ALA B 170 -32.65 -5.30 -2.90
CA ALA B 170 -32.08 -6.47 -3.57
C ALA B 170 -33.11 -7.59 -3.65
N LYS B 171 -33.88 -7.79 -2.58
CA LYS B 171 -34.97 -8.76 -2.63
C LYS B 171 -35.96 -8.43 -3.74
N ASN B 172 -36.31 -7.13 -3.87
CA ASN B 172 -37.31 -6.71 -4.85
C ASN B 172 -36.89 -7.01 -6.28
N TYR B 173 -35.59 -7.05 -6.54
CA TYR B 173 -35.06 -7.37 -7.86
C TYR B 173 -34.52 -8.79 -7.95
N ASP B 174 -34.55 -9.53 -6.84
CA ASP B 174 -34.00 -10.87 -6.74
C ASP B 174 -32.54 -10.92 -7.22
N ILE B 175 -31.70 -10.10 -6.59
CA ILE B 175 -30.26 -10.13 -6.83
C ILE B 175 -29.55 -10.42 -5.52
N GLY B 176 -28.29 -10.82 -5.64
CA GLY B 176 -27.47 -11.06 -4.45
C GLY B 176 -26.97 -9.76 -3.84
N LEU B 177 -26.88 -9.76 -2.51
CA LEU B 177 -26.31 -8.64 -1.75
C LEU B 177 -25.35 -9.23 -0.73
N ASN B 178 -24.07 -8.99 -0.94
CA ASN B 178 -23.03 -9.57 -0.11
C ASN B 178 -22.42 -8.52 0.83
N ILE B 179 -22.23 -8.90 2.09
CA ILE B 179 -21.51 -8.06 3.05
C ILE B 179 -20.03 -8.47 3.03
N ASP B 180 -19.18 -7.57 2.52
CA ASP B 180 -17.75 -7.85 2.51
C ASP B 180 -17.22 -7.91 3.95
N ALA B 181 -16.16 -8.68 4.15
CA ALA B 181 -15.50 -8.75 5.45
C ALA B 181 -14.31 -7.80 5.49
N GLU B 182 -14.20 -7.05 6.59
CA GLU B 182 -13.16 -6.04 6.72
C GLU B 182 -12.21 -6.40 7.85
N GLU B 183 -11.92 -5.48 8.75
CA GLU B 183 -10.95 -5.77 9.80
C GLU B 183 -11.51 -6.76 10.82
N ALA B 184 -10.60 -7.51 11.45
CA ALA B 184 -10.99 -8.56 12.38
C ALA B 184 -11.85 -8.04 13.51
N ASP B 185 -11.64 -6.80 13.96
CA ASP B 185 -12.40 -6.34 15.12
C ASP B 185 -13.85 -6.01 14.80
N ARG B 186 -14.25 -6.08 13.53
CA ARG B 186 -15.65 -5.84 13.19
C ARG B 186 -16.38 -7.11 12.76
N LEU B 187 -15.73 -8.26 12.83
CA LEU B 187 -16.40 -9.52 12.50
C LEU B 187 -17.64 -9.71 13.36
N GLU B 188 -17.52 -9.55 14.68
CA GLU B 188 -18.62 -9.88 15.58
C GLU B 188 -19.86 -9.03 15.27
N LEU B 189 -19.67 -7.73 15.07
CA LEU B 189 -20.79 -6.85 14.77
C LEU B 189 -21.45 -7.26 13.47
N SER B 190 -20.65 -7.49 12.42
CA SER B 190 -21.21 -7.84 11.12
C SER B 190 -22.01 -9.15 11.18
N LEU B 191 -21.55 -10.10 12.00
CA LEU B 191 -22.24 -11.37 12.11
C LEU B 191 -23.56 -11.24 12.88
N ASP B 192 -23.58 -10.40 13.91
CA ASP B 192 -24.84 -10.11 14.61
C ASP B 192 -25.84 -9.45 13.67
N LEU B 193 -25.35 -8.59 12.77
CA LEU B 193 -26.24 -7.96 11.80
C LEU B 193 -26.78 -8.98 10.81
N LEU B 194 -25.93 -9.89 10.35
CA LEU B 194 -26.38 -10.94 9.44
C LEU B 194 -27.50 -11.75 10.08
N GLU B 195 -27.34 -12.09 11.36
CA GLU B 195 -28.37 -12.86 12.04
C GLU B 195 -29.70 -12.12 12.07
N VAL B 196 -29.68 -10.84 12.46
CA VAL B 196 -30.94 -10.11 12.54
C VAL B 196 -31.64 -10.04 11.19
N LEU B 197 -30.87 -9.82 10.12
CA LEU B 197 -31.45 -9.76 8.78
C LEU B 197 -32.02 -11.11 8.36
N CYS B 198 -31.30 -12.20 8.65
CA CYS B 198 -31.79 -13.51 8.26
C CYS B 198 -33.05 -13.94 9.00
N LEU B 199 -33.30 -13.40 10.19
CA LEU B 199 -34.49 -13.70 10.97
C LEU B 199 -35.60 -12.68 10.74
N ASP B 200 -35.37 -11.68 9.89
CA ASP B 200 -36.35 -10.62 9.64
C ASP B 200 -37.34 -11.11 8.58
N GLY B 201 -38.60 -11.26 8.98
CA GLY B 201 -39.60 -11.78 8.06
C GLY B 201 -39.84 -10.91 6.84
N ASP B 202 -39.48 -9.62 6.90
CA ASP B 202 -39.69 -8.78 5.73
C ASP B 202 -38.83 -9.22 4.56
N LEU B 203 -37.76 -9.97 4.81
CA LEU B 203 -36.88 -10.46 3.77
C LEU B 203 -37.17 -11.89 3.37
N SER B 204 -38.33 -12.43 3.77
CA SER B 204 -38.62 -13.83 3.53
C SER B 204 -38.72 -14.11 2.04
N GLY B 205 -38.31 -15.31 1.66
CA GLY B 205 -38.41 -15.78 0.30
C GLY B 205 -37.25 -15.40 -0.59
N TRP B 206 -36.29 -14.64 -0.08
CA TRP B 206 -35.14 -14.19 -0.86
C TRP B 206 -33.89 -14.82 -0.25
N ASN B 207 -33.12 -15.51 -1.09
CA ASN B 207 -31.89 -16.16 -0.67
C ASN B 207 -30.64 -15.41 -1.15
N GLY B 208 -30.77 -14.11 -1.43
CA GLY B 208 -29.64 -13.36 -1.93
C GLY B 208 -28.70 -12.77 -0.89
N MET B 209 -29.02 -12.86 0.40
CA MET B 209 -28.12 -12.31 1.39
C MET B 209 -26.83 -13.12 1.42
N GLY B 210 -25.70 -12.43 1.37
CA GLY B 210 -24.40 -13.09 1.37
C GLY B 210 -23.48 -12.50 2.41
N PHE B 211 -22.46 -13.28 2.78
CA PHE B 211 -21.56 -12.91 3.86
C PHE B 211 -20.20 -13.54 3.60
N VAL B 212 -19.12 -12.79 3.85
CA VAL B 212 -17.77 -13.26 3.61
C VAL B 212 -17.19 -13.76 4.92
N VAL B 213 -16.43 -14.86 4.85
CA VAL B 213 -15.64 -15.33 5.98
CA VAL B 213 -15.64 -15.34 5.99
C VAL B 213 -14.19 -15.48 5.54
N GLN B 214 -13.28 -14.99 6.36
CA GLN B 214 -11.86 -14.92 6.02
C GLN B 214 -11.11 -16.08 6.68
N ALA B 215 -10.56 -16.96 5.84
CA ALA B 215 -9.86 -18.15 6.33
C ALA B 215 -8.51 -17.84 6.98
N TYR B 216 -7.97 -16.63 6.81
CA TYR B 216 -6.79 -16.29 7.60
C TYR B 216 -7.13 -16.00 9.05
N GLY B 217 -8.41 -16.00 9.41
CA GLY B 217 -8.82 -15.73 10.77
C GLY B 217 -9.02 -17.01 11.56
N LYS B 218 -8.61 -16.96 12.83
CA LYS B 218 -8.73 -18.12 13.71
C LYS B 218 -10.18 -18.49 13.99
N ARG B 219 -11.11 -17.56 13.83
CA ARG B 219 -12.51 -17.81 14.12
C ARG B 219 -13.25 -18.45 12.95
N CYS B 220 -12.62 -18.52 11.78
CA CYS B 220 -13.32 -18.90 10.54
C CYS B 220 -14.18 -20.15 10.64
N PRO B 221 -13.68 -21.31 11.09
CA PRO B 221 -14.55 -22.49 11.09
C PRO B 221 -15.70 -22.37 12.05
N PHE B 222 -15.52 -21.65 13.16
CA PHE B 222 -16.58 -21.48 14.14
C PHE B 222 -17.60 -20.45 13.67
N VAL B 223 -17.16 -19.43 12.94
CA VAL B 223 -18.10 -18.54 12.28
C VAL B 223 -18.92 -19.31 11.25
N LEU B 224 -18.26 -20.19 10.47
CA LEU B 224 -19.01 -21.00 9.51
C LEU B 224 -20.04 -21.90 10.20
N ASP B 225 -19.67 -22.54 11.31
CA ASP B 225 -20.65 -23.33 12.06
C ASP B 225 -21.86 -22.48 12.44
N PHE B 226 -21.62 -21.26 12.93
CA PHE B 226 -22.72 -20.38 13.30
C PHE B 226 -23.57 -20.02 12.10
N ILE B 227 -22.94 -19.71 10.95
CA ILE B 227 -23.70 -19.32 9.76
C ILE B 227 -24.53 -20.48 9.23
N ILE B 228 -23.95 -21.68 9.21
CA ILE B 228 -24.69 -22.83 8.69
C ILE B 228 -25.90 -23.11 9.58
N ASP B 229 -25.72 -23.04 10.89
CA ASP B 229 -26.84 -23.21 11.82
C ASP B 229 -27.85 -22.08 11.65
N LEU B 230 -27.38 -20.84 11.43
CA LEU B 230 -28.31 -19.74 11.18
C LEU B 230 -29.14 -19.99 9.93
N ALA B 231 -28.51 -20.53 8.88
CA ALA B 231 -29.27 -20.86 7.67
C ALA B 231 -30.34 -21.89 7.99
N ARG B 232 -30.01 -22.89 8.82
CA ARG B 232 -30.99 -23.92 9.15
C ARG B 232 -32.16 -23.35 9.93
N ARG B 233 -31.90 -22.46 10.88
CA ARG B 233 -33.03 -22.00 11.68
C ARG B 233 -33.79 -20.84 11.06
N SER B 234 -33.18 -20.12 10.12
CA SER B 234 -33.85 -18.99 9.48
C SER B 234 -34.61 -19.39 8.23
N GLY B 235 -34.26 -20.52 7.63
CA GLY B 235 -34.82 -20.89 6.34
C GLY B 235 -34.22 -20.18 5.16
N ARG B 236 -33.15 -19.42 5.36
CA ARG B 236 -32.48 -18.69 4.29
C ARG B 236 -31.31 -19.52 3.82
N ARG B 237 -31.13 -19.65 2.50
CA ARG B 237 -29.92 -20.26 1.96
C ARG B 237 -28.86 -19.18 1.83
N ILE B 238 -27.99 -19.07 2.82
CA ILE B 238 -27.09 -17.94 2.89
C ILE B 238 -25.95 -18.14 1.89
N MET B 239 -25.64 -17.09 1.11
CA MET B 239 -24.48 -17.13 0.24
C MET B 239 -23.25 -16.86 1.07
N VAL B 240 -22.27 -17.75 1.03
CA VAL B 240 -21.09 -17.64 1.88
C VAL B 240 -19.86 -17.54 0.99
N ARG B 241 -19.22 -16.38 0.95
CA ARG B 241 -17.99 -16.21 0.20
C ARG B 241 -16.81 -16.56 1.10
N LEU B 242 -16.11 -17.63 0.77
CA LEU B 242 -14.92 -18.05 1.50
C LEU B 242 -13.72 -17.40 0.82
N VAL B 243 -12.98 -16.58 1.59
CA VAL B 243 -11.79 -15.91 1.10
C VAL B 243 -10.67 -16.24 2.05
N LYS B 244 -9.44 -15.94 1.62
CA LYS B 244 -8.32 -15.98 2.57
C LYS B 244 -8.30 -14.71 3.42
N GLY B 245 -8.12 -13.56 2.81
CA GLY B 245 -8.33 -12.29 3.51
C GLY B 245 -7.43 -11.22 2.94
N ALA B 246 -7.92 -9.99 2.98
CA ALA B 246 -7.27 -8.89 2.27
C ALA B 246 -6.46 -7.96 3.15
N TYR B 247 -6.56 -8.09 4.47
CA TYR B 247 -6.00 -7.10 5.40
C TYR B 247 -4.85 -7.64 6.24
N TRP B 248 -4.13 -8.66 5.77
CA TRP B 248 -3.17 -9.36 6.61
C TRP B 248 -2.12 -8.42 7.17
N ASP B 249 -1.49 -7.60 6.32
CA ASP B 249 -0.41 -6.73 6.79
C ASP B 249 -0.92 -5.76 7.85
N ALA B 250 -2.13 -5.23 7.64
CA ALA B 250 -2.69 -4.31 8.61
C ALA B 250 -3.05 -5.03 9.91
N GLU B 251 -3.51 -6.27 9.83
CA GLU B 251 -3.87 -7.00 11.05
C GLU B 251 -2.64 -7.29 11.88
N ILE B 252 -1.54 -7.68 11.23
CA ILE B 252 -0.30 -7.89 11.97
C ILE B 252 0.12 -6.62 12.69
N LYS B 253 0.12 -5.49 11.97
CA LYS B 253 0.53 -4.22 12.57
C LYS B 253 -0.37 -3.85 13.73
N ARG B 254 -1.69 -4.02 13.57
CA ARG B 254 -2.64 -3.65 14.61
C ARG B 254 -2.46 -4.51 15.86
N ALA B 255 -2.25 -5.81 15.68
CA ALA B 255 -2.09 -6.69 16.83
C ALA B 255 -0.81 -6.38 17.59
N GLN B 256 0.26 -6.02 16.87
CA GLN B 256 1.47 -5.58 17.55
C GLN B 256 1.21 -4.31 18.35
N LEU B 257 0.49 -3.35 17.77
CA LEU B 257 0.20 -2.12 18.48
C LEU B 257 -0.82 -2.32 19.61
N ASP B 258 -1.60 -3.39 19.57
CA ASP B 258 -2.53 -3.74 20.64
C ASP B 258 -1.85 -4.49 21.79
N GLY B 259 -0.56 -4.82 21.67
CA GLY B 259 0.13 -5.55 22.72
C GLY B 259 -0.27 -7.01 22.85
N LEU B 260 -0.77 -7.61 21.78
CA LEU B 260 -1.31 -8.96 21.86
C LEU B 260 -0.18 -9.99 21.86
N ALA B 261 -0.35 -11.04 22.67
CA ALA B 261 0.57 -12.17 22.62
C ALA B 261 0.19 -13.15 21.52
N ASP B 262 -1.08 -13.22 21.17
CA ASP B 262 -1.57 -14.09 20.10
C ASP B 262 -2.53 -13.27 19.25
N PHE B 263 -2.35 -13.32 17.93
CA PHE B 263 -3.04 -12.46 16.98
C PHE B 263 -4.36 -13.09 16.54
N PRO B 264 -5.27 -12.30 15.96
CA PRO B 264 -6.53 -12.87 15.46
C PRO B 264 -6.43 -13.50 14.09
N VAL B 265 -5.26 -13.45 13.45
CA VAL B 265 -5.00 -14.07 12.16
C VAL B 265 -3.79 -14.97 12.28
N PHE B 266 -3.70 -15.92 11.34
CA PHE B 266 -2.52 -16.75 11.23
C PHE B 266 -1.34 -15.92 10.74
N THR B 267 -0.14 -16.37 11.10
CA THR B 267 1.10 -15.70 10.69
C THR B 267 1.95 -16.53 9.73
N ARG B 268 1.59 -17.78 9.49
CA ARG B 268 2.23 -18.62 8.49
C ARG B 268 1.26 -18.79 7.33
N LYS B 269 1.70 -18.42 6.12
CA LYS B 269 0.80 -18.37 4.96
C LYS B 269 0.16 -19.72 4.69
N ILE B 270 0.95 -20.80 4.77
CA ILE B 270 0.35 -22.10 4.48
C ILE B 270 -0.70 -22.48 5.51
N HIS B 271 -0.66 -21.89 6.71
CA HIS B 271 -1.74 -22.15 7.66
C HIS B 271 -3.05 -21.58 7.17
N THR B 272 -3.02 -20.41 6.51
CA THR B 272 -4.23 -19.89 5.88
C THR B 272 -4.73 -20.83 4.78
N ASP B 273 -3.82 -21.40 4.00
CA ASP B 273 -4.23 -22.33 2.96
C ASP B 273 -4.93 -23.55 3.53
N VAL B 274 -4.38 -24.11 4.63
CA VAL B 274 -4.99 -25.26 5.28
C VAL B 274 -6.35 -24.89 5.84
N SER B 275 -6.45 -23.72 6.46
CA SER B 275 -7.73 -23.25 7.00
C SER B 275 -8.76 -23.12 5.88
N TYR B 276 -8.36 -22.56 4.74
CA TYR B 276 -9.28 -22.41 3.61
C TYR B 276 -9.81 -23.75 3.15
N ILE B 277 -8.93 -24.74 2.99
CA ILE B 277 -9.38 -26.05 2.50
C ILE B 277 -10.27 -26.74 3.51
N ALA B 278 -9.93 -26.65 4.80
CA ALA B 278 -10.78 -27.25 5.83
C ALA B 278 -12.16 -26.60 5.82
N CYS B 279 -12.20 -25.28 5.66
CA CYS B 279 -13.48 -24.59 5.67
C CYS B 279 -14.27 -24.88 4.41
N ALA B 280 -13.58 -25.10 3.29
CA ALA B 280 -14.27 -25.50 2.07
C ALA B 280 -14.94 -26.85 2.25
N ALA B 281 -14.28 -27.79 2.93
CA ALA B 281 -14.88 -29.08 3.20
C ALA B 281 -16.16 -28.92 4.02
N LYS B 282 -16.15 -28.00 4.98
CA LYS B 282 -17.34 -27.77 5.78
C LYS B 282 -18.47 -27.19 4.94
N LEU B 283 -18.14 -26.23 4.07
CA LEU B 283 -19.15 -25.61 3.21
C LEU B 283 -19.72 -26.61 2.20
N LEU B 284 -18.86 -27.44 1.62
CA LEU B 284 -19.33 -28.38 0.60
C LEU B 284 -20.25 -29.44 1.18
N ALA B 285 -20.21 -29.68 2.48
CA ALA B 285 -21.12 -30.62 3.11
C ALA B 285 -22.43 -29.99 3.55
N ALA B 286 -22.62 -28.68 3.29
CA ALA B 286 -23.79 -27.94 3.73
C ALA B 286 -24.49 -27.22 2.58
N THR B 287 -24.34 -27.70 1.34
CA THR B 287 -24.91 -26.98 0.21
C THR B 287 -26.44 -26.97 0.20
N ASP B 288 -27.11 -27.79 1.03
CA ASP B 288 -28.57 -27.67 1.17
C ASP B 288 -28.97 -26.34 1.78
N VAL B 289 -28.14 -25.74 2.62
CA VAL B 289 -28.53 -24.57 3.39
C VAL B 289 -27.63 -23.36 3.18
N VAL B 290 -26.46 -23.51 2.55
CA VAL B 290 -25.65 -22.37 2.16
C VAL B 290 -25.22 -22.54 0.70
N PHE B 291 -24.91 -21.42 0.06
CA PHE B 291 -24.36 -21.40 -1.29
C PHE B 291 -22.89 -21.02 -1.20
N PRO B 292 -21.96 -21.96 -1.25
CA PRO B 292 -20.54 -21.62 -1.12
C PRO B 292 -20.01 -20.91 -2.36
N GLN B 293 -19.19 -19.89 -2.11
CA GLN B 293 -18.58 -19.10 -3.18
C GLN B 293 -17.09 -19.06 -2.88
N PHE B 294 -16.31 -19.80 -3.67
CA PHE B 294 -14.90 -20.00 -3.38
C PHE B 294 -14.08 -18.95 -4.12
N ALA B 295 -13.72 -17.89 -3.41
CA ALA B 295 -12.97 -16.79 -4.00
C ALA B 295 -11.49 -17.05 -3.86
N THR B 296 -10.80 -17.21 -4.99
CA THR B 296 -9.36 -17.46 -4.99
C THR B 296 -8.80 -17.27 -6.39
N HIS B 297 -7.55 -16.84 -6.46
CA HIS B 297 -6.79 -16.82 -7.70
C HIS B 297 -5.73 -17.91 -7.75
N ASN B 298 -5.69 -18.76 -6.74
CA ASN B 298 -4.66 -19.78 -6.59
C ASN B 298 -5.14 -21.05 -7.27
N ALA B 299 -4.45 -21.45 -8.34
CA ALA B 299 -4.90 -22.59 -9.14
C ALA B 299 -4.83 -23.89 -8.34
N GLN B 300 -3.90 -23.99 -7.41
CA GLN B 300 -3.84 -25.17 -6.56
C GLN B 300 -5.05 -25.24 -5.63
N THR B 301 -5.42 -24.11 -5.00
CA THR B 301 -6.61 -24.08 -4.16
C THR B 301 -7.86 -24.42 -4.96
N LEU B 302 -7.95 -23.84 -6.16
CA LEU B 302 -9.11 -24.07 -7.02
C LEU B 302 -9.23 -25.54 -7.36
N ALA B 303 -8.12 -26.14 -7.81
CA ALA B 303 -8.16 -27.55 -8.20
C ALA B 303 -8.52 -28.44 -7.01
N ALA B 304 -8.02 -28.11 -5.82
CA ALA B 304 -8.30 -28.92 -4.64
C ALA B 304 -9.79 -28.93 -4.34
N ILE B 305 -10.43 -27.77 -4.43
CA ILE B 305 -11.86 -27.68 -4.14
C ILE B 305 -12.67 -28.34 -5.23
N TYR B 306 -12.27 -28.14 -6.49
CA TYR B 306 -12.96 -28.77 -7.62
C TYR B 306 -13.04 -30.28 -7.43
N HIS B 307 -11.94 -30.90 -7.04
CA HIS B 307 -11.97 -32.34 -6.81
C HIS B 307 -12.63 -32.72 -5.50
N MET B 308 -12.48 -31.89 -4.47
CA MET B 308 -13.18 -32.15 -3.20
C MET B 308 -14.68 -32.21 -3.40
N ALA B 309 -15.20 -31.34 -4.28
CA ALA B 309 -16.64 -31.21 -4.47
C ALA B 309 -17.24 -32.41 -5.19
N GLY B 310 -16.44 -33.28 -5.81
CA GLY B 310 -16.99 -34.47 -6.40
C GLY B 310 -17.60 -34.23 -7.79
N LYS B 311 -18.22 -35.30 -8.29
CA LYS B 311 -18.67 -35.33 -9.68
C LYS B 311 -20.03 -34.65 -9.89
N ASP B 312 -20.84 -34.50 -8.84
CA ASP B 312 -22.20 -34.00 -8.98
C ASP B 312 -22.17 -32.48 -8.93
N PHE B 313 -22.64 -31.84 -10.01
CA PHE B 313 -22.69 -30.38 -10.04
C PHE B 313 -23.92 -29.90 -10.80
N HIS B 314 -24.48 -28.79 -10.30
CA HIS B 314 -25.48 -28.02 -11.01
C HIS B 314 -25.28 -26.56 -10.66
N VAL B 315 -25.66 -25.66 -11.56
CA VAL B 315 -25.57 -24.24 -11.27
C VAL B 315 -26.49 -23.93 -10.10
N GLY B 316 -25.95 -23.24 -9.11
CA GLY B 316 -26.61 -23.07 -7.84
C GLY B 316 -26.04 -23.91 -6.72
N LYS B 317 -25.25 -24.93 -7.04
CA LYS B 317 -24.66 -25.74 -5.97
C LYS B 317 -23.57 -24.96 -5.23
N TYR B 318 -22.59 -24.46 -5.98
CA TYR B 318 -21.53 -23.58 -5.49
C TYR B 318 -20.99 -22.84 -6.70
N GLU B 319 -20.15 -21.84 -6.45
CA GLU B 319 -19.45 -21.18 -7.55
C GLU B 319 -18.05 -20.80 -7.07
N PHE B 320 -17.20 -20.43 -8.02
CA PHE B 320 -15.94 -19.76 -7.73
C PHE B 320 -16.11 -18.26 -7.90
N GLN B 321 -15.14 -17.50 -7.36
CA GLN B 321 -15.15 -16.06 -7.56
C GLN B 321 -13.73 -15.56 -7.78
N CYS B 322 -13.62 -14.42 -8.46
CA CYS B 322 -12.30 -13.80 -8.67
C CYS B 322 -12.47 -12.29 -8.71
N LEU B 323 -11.35 -11.59 -8.59
CA LEU B 323 -11.35 -10.13 -8.71
C LEU B 323 -11.12 -9.71 -10.16
N HIS B 324 -11.85 -8.69 -10.59
CA HIS B 324 -11.64 -8.09 -11.90
C HIS B 324 -10.17 -7.68 -12.04
N GLY B 325 -9.59 -8.04 -13.18
CA GLY B 325 -8.20 -7.68 -13.47
C GLY B 325 -7.17 -8.62 -12.90
N MET B 326 -7.59 -9.64 -12.16
CA MET B 326 -6.68 -10.66 -11.62
C MET B 326 -7.05 -12.06 -12.04
N GLY B 327 -8.34 -12.41 -12.00
CA GLY B 327 -8.72 -13.81 -12.13
C GLY B 327 -9.17 -14.29 -13.49
N GLU B 328 -9.43 -13.38 -14.42
CA GLU B 328 -9.99 -13.81 -15.71
C GLU B 328 -9.12 -14.83 -16.43
N PRO B 329 -7.79 -14.68 -16.53
CA PRO B 329 -7.01 -15.70 -17.24
C PRO B 329 -7.13 -17.08 -16.64
N LEU B 330 -7.15 -17.18 -15.32
CA LEU B 330 -7.32 -18.49 -14.70
C LEU B 330 -8.72 -19.04 -14.96
N TYR B 331 -9.73 -18.22 -14.73
CA TYR B 331 -11.10 -18.72 -14.82
C TYR B 331 -11.59 -18.92 -16.26
N GLU B 332 -10.90 -18.34 -17.24
CA GLU B 332 -11.14 -18.72 -18.63
C GLU B 332 -10.78 -20.18 -18.92
N GLU B 333 -10.04 -20.83 -18.03
CA GLU B 333 -9.77 -22.25 -18.10
C GLU B 333 -10.67 -23.07 -17.21
N VAL B 334 -11.70 -22.44 -16.62
CA VAL B 334 -12.58 -23.09 -15.66
C VAL B 334 -14.04 -23.06 -16.13
N VAL B 335 -14.53 -21.89 -16.52
CA VAL B 335 -15.92 -21.71 -16.91
C VAL B 335 -16.13 -22.34 -18.29
N GLY B 336 -17.22 -23.06 -18.43
CA GLY B 336 -17.43 -23.52 -19.79
C GLY B 336 -17.32 -25.03 -19.92
N ARG B 337 -18.12 -25.58 -20.83
CA ARG B 337 -18.28 -27.02 -20.92
C ARG B 337 -16.97 -27.74 -21.21
N GLY B 338 -16.13 -27.15 -22.05
CA GLY B 338 -14.88 -27.79 -22.41
C GLY B 338 -13.75 -27.59 -21.45
N LYS B 339 -13.97 -26.83 -20.38
CA LYS B 339 -12.96 -26.57 -19.37
C LYS B 339 -13.28 -27.40 -18.13
N LEU B 340 -13.58 -26.74 -17.01
CA LEU B 340 -14.04 -27.46 -15.82
C LEU B 340 -15.55 -27.39 -15.63
N ASP B 341 -16.25 -26.60 -16.44
CA ASP B 341 -17.71 -26.49 -16.36
C ASP B 341 -18.18 -26.03 -14.99
N ARG B 342 -17.49 -25.02 -14.45
CA ARG B 342 -17.87 -24.44 -13.16
C ARG B 342 -17.97 -22.94 -13.31
N PRO B 343 -18.95 -22.32 -12.67
CA PRO B 343 -19.17 -20.87 -12.84
C PRO B 343 -18.23 -20.05 -11.96
N CYS B 344 -18.04 -18.81 -12.39
CA CYS B 344 -17.21 -17.87 -11.65
C CYS B 344 -17.85 -16.49 -11.67
N ARG B 345 -17.93 -15.88 -10.50
CA ARG B 345 -18.45 -14.52 -10.35
C ARG B 345 -17.29 -13.55 -10.19
N ILE B 346 -17.28 -12.51 -11.00
CA ILE B 346 -16.22 -11.51 -10.99
C ILE B 346 -16.62 -10.38 -10.07
N TYR B 347 -15.79 -10.09 -9.08
CA TYR B 347 -15.97 -8.94 -8.21
C TYR B 347 -15.46 -7.71 -8.95
N ALA B 348 -16.35 -6.74 -9.16
CA ALA B 348 -16.15 -5.67 -10.13
C ALA B 348 -16.22 -4.31 -9.48
N PRO B 349 -15.09 -3.68 -9.14
CA PRO B 349 -15.13 -2.36 -8.53
C PRO B 349 -15.58 -1.28 -9.51
N VAL B 350 -16.30 -0.29 -8.98
CA VAL B 350 -16.87 0.80 -9.76
C VAL B 350 -16.52 2.09 -9.02
N GLY B 351 -15.84 3.00 -9.70
CA GLY B 351 -15.51 4.26 -9.06
C GLY B 351 -14.38 4.97 -9.78
N THR B 352 -13.78 5.95 -9.07
CA THR B 352 -12.75 6.84 -9.61
C THR B 352 -11.58 6.92 -8.63
N HIS B 353 -10.59 7.76 -8.98
CA HIS B 353 -9.43 7.94 -8.11
C HIS B 353 -9.82 8.40 -6.73
N GLU B 354 -10.95 9.12 -6.59
CA GLU B 354 -11.37 9.60 -5.29
C GLU B 354 -11.74 8.47 -4.33
N THR B 355 -11.90 7.24 -4.83
CA THR B 355 -12.31 6.12 -4.01
C THR B 355 -11.49 4.85 -4.26
N LEU B 356 -10.37 4.94 -4.97
CA LEU B 356 -9.66 3.74 -5.42
C LEU B 356 -8.48 3.33 -4.54
N LEU B 357 -7.89 4.27 -3.80
CA LEU B 357 -6.57 4.05 -3.22
C LEU B 357 -6.56 2.92 -2.19
N ALA B 358 -7.55 2.90 -1.30
CA ALA B 358 -7.56 1.89 -0.24
C ALA B 358 -7.59 0.49 -0.83
N TYR B 359 -8.47 0.27 -1.82
CA TYR B 359 -8.55 -1.02 -2.49
C TYR B 359 -7.25 -1.31 -3.25
N LEU B 360 -6.70 -0.31 -3.94
CA LEU B 360 -5.49 -0.53 -4.71
C LEU B 360 -4.31 -0.93 -3.82
N VAL B 361 -4.20 -0.31 -2.65
CA VAL B 361 -3.14 -0.68 -1.72
C VAL B 361 -3.25 -2.16 -1.37
N ARG B 362 -4.47 -2.62 -1.07
CA ARG B 362 -4.65 -4.04 -0.75
C ARG B 362 -4.30 -4.93 -1.93
N ARG B 363 -4.62 -4.49 -3.16
CA ARG B 363 -4.20 -5.23 -4.35
C ARG B 363 -2.68 -5.27 -4.51
N LEU B 364 -2.00 -4.15 -4.22
CA LEU B 364 -0.53 -4.17 -4.31
C LEU B 364 0.05 -5.12 -3.28
N LEU B 365 -0.50 -5.10 -2.07
CA LEU B 365 0.03 -5.99 -1.05
C LEU B 365 -0.23 -7.44 -1.41
N GLU B 366 -1.34 -7.71 -2.10
CA GLU B 366 -1.65 -9.05 -2.58
C GLU B 366 -0.74 -9.45 -3.73
N ASN B 367 -0.61 -8.59 -4.73
CA ASN B 367 0.13 -8.95 -5.95
C ASN B 367 1.63 -8.90 -5.73
N GLY B 368 2.11 -8.07 -4.82
CA GLY B 368 3.52 -7.85 -4.64
C GLY B 368 4.18 -8.75 -3.63
N ALA B 369 3.41 -9.51 -2.87
CA ALA B 369 3.96 -10.31 -1.79
C ALA B 369 4.59 -11.59 -2.33
N ASN B 370 5.78 -11.90 -1.82
CA ASN B 370 6.51 -13.06 -2.30
C ASN B 370 5.75 -14.35 -2.04
N SER B 371 4.88 -14.37 -1.02
CA SER B 371 4.10 -15.55 -0.67
C SER B 371 2.85 -15.75 -1.52
N SER B 372 2.49 -14.77 -2.34
CA SER B 372 1.23 -14.86 -3.09
C SER B 372 1.39 -15.72 -4.32
N PHE B 373 0.38 -16.54 -4.60
CA PHE B 373 0.35 -17.33 -5.83
C PHE B 373 0.54 -16.46 -7.06
N VAL B 374 -0.14 -15.32 -7.12
CA VAL B 374 -0.05 -14.49 -8.32
C VAL B 374 1.34 -13.90 -8.52
N HIS B 375 2.12 -13.78 -7.45
CA HIS B 375 3.51 -13.37 -7.59
C HIS B 375 4.39 -14.57 -7.93
N ARG B 376 4.14 -15.70 -7.27
CA ARG B 376 4.96 -16.88 -7.45
C ARG B 376 4.87 -17.44 -8.86
N ILE B 377 3.69 -17.35 -9.50
CA ILE B 377 3.58 -17.86 -10.86
C ILE B 377 4.51 -17.14 -11.83
N ASN B 378 4.93 -15.91 -11.51
CA ASN B 378 5.87 -15.15 -12.33
C ASN B 378 7.29 -15.14 -11.75
N ASP B 379 7.55 -15.92 -10.70
CA ASP B 379 8.84 -15.95 -10.05
C ASP B 379 9.67 -17.06 -10.67
N PRO B 380 10.78 -16.75 -11.34
CA PRO B 380 11.54 -17.81 -12.02
C PRO B 380 12.11 -18.84 -11.06
N LYS B 381 12.21 -18.54 -9.77
CA LYS B 381 12.75 -19.50 -8.82
C LYS B 381 11.73 -20.55 -8.39
N VAL B 382 10.45 -20.38 -8.73
CA VAL B 382 9.38 -21.23 -8.23
C VAL B 382 8.99 -22.23 -9.32
N SER B 383 9.24 -23.52 -9.05
CA SER B 383 8.92 -24.57 -10.01
C SER B 383 7.41 -24.81 -10.09
N ILE B 384 6.98 -25.39 -11.21
CA ILE B 384 5.58 -25.79 -11.30
C ILE B 384 5.25 -26.83 -10.24
N ASP B 385 6.21 -27.71 -9.91
CA ASP B 385 6.04 -28.67 -8.82
C ASP B 385 5.63 -27.96 -7.54
N GLU B 386 6.31 -26.85 -7.23
CA GLU B 386 6.01 -26.10 -6.02
C GLU B 386 4.63 -25.45 -6.09
N LEU B 387 4.26 -24.92 -7.26
CA LEU B 387 2.96 -24.27 -7.39
C LEU B 387 1.81 -25.25 -7.20
N ILE B 388 1.98 -26.51 -7.61
CA ILE B 388 0.89 -27.48 -7.52
C ILE B 388 0.94 -28.31 -6.25
N ALA B 389 1.97 -28.16 -5.43
CA ALA B 389 2.07 -28.93 -4.20
C ALA B 389 0.91 -28.62 -3.26
N ASP B 390 0.41 -29.65 -2.58
CA ASP B 390 -0.67 -29.47 -1.61
C ASP B 390 -0.07 -28.94 -0.32
N PRO B 391 -0.43 -27.73 0.12
CA PRO B 391 0.14 -27.21 1.37
C PRO B 391 -0.23 -28.03 2.59
N VAL B 392 -1.32 -28.79 2.56
CA VAL B 392 -1.71 -29.60 3.70
C VAL B 392 -0.65 -30.66 4.01
N GLU B 393 0.02 -31.16 2.97
CA GLU B 393 1.08 -32.14 3.16
C GLU B 393 2.31 -31.56 3.82
N VAL B 394 2.51 -30.24 3.74
CA VAL B 394 3.65 -29.61 4.39
C VAL B 394 3.51 -29.61 5.91
N VAL B 395 2.28 -29.65 6.43
CA VAL B 395 2.06 -29.53 7.87
C VAL B 395 1.38 -30.76 8.47
N ARG B 396 1.02 -31.74 7.67
CA ARG B 396 0.37 -32.95 8.18
C ARG B 396 1.31 -33.73 9.09
#